data_7B1A
#
_entry.id   7B1A
#
_cell.length_a   89.764
_cell.length_b   146.470
_cell.length_c   154.845
_cell.angle_alpha   90.000
_cell.angle_beta   90.000
_cell.angle_gamma   90.000
#
_symmetry.space_group_name_H-M   'C 2 2 21'
#
loop_
_entity.id
_entity.type
_entity.pdbx_description
1 polymer 'Myosin-2 heavy chain'
2 branched beta-D-fructofuranose-(2-1)-alpha-D-glucopyranose
3 non-polymer 'MAGNESIUM ION'
4 non-polymer 1,2-ETHANEDIOL
5 non-polymer 'MALONATE ION'
6 non-polymer 'ADP METAVANADATE'
7 water water
#
_entity_poly.entity_id   1
_entity_poly.type   'polypeptide(L)'
_entity_poly.pdbx_seq_one_letter_code
;MHHHHHHHDGTENPIHDRTSDYHKYLKVKQGDSDLFKLTVSDKRYIWYNPDPKERDSYECGEIVSETSDSFTFKTVDGQD
RQVKKDDANQRNPIKFDGVEDMSELSYLNEPAVFHNLRVRYNQDLIYTYSGLFLVAVNPFKRIPIYTQEMVDIFKGRRRN
EVAPHIFAISDVAYRSMLDDRQNQSLLITGESGAGKTENTKKVIQYLASVAGRNQANGSGVLEQQILQANPILEAFGNAK
TTRNNNSSRFGKFIEIQFNSAGFISGASIQSYLLEKSRVVFQSETERNYHIFYQLLAGATAEEKKALHLAGPESFNYLNQ
SGCVDIKGVSDSEEFKITRQAMDIVGFSQEEQMSIFKIIAGILHLGNIKFEKGAGEGAVLKDKTALNAASTVFGVNPSVL
EKALMEPRILAGRDLVAQHLNVEKSSSSRDALVKALYGRLFLWLVKKINNVLCQERKAYFIGVLDISGFEIFKVNSFEQL
CINYTNEKLQQFFNHHMFKLEQEEYLKEKINWTFIDFGLDSQATIDLIDGRQPPGILALLDEQSVFPNATDNTLITKLHS
HFSKKNAKYEEPRFSKTEFGVTHYAGQVMYEIQDWLEKNKDPLQQDLELCFKDSSDNVVTKLFNDPNIASRAKKGANFIT
VAAQYKEQLASLMATLEAANPHFVRCIIPNNKQLPAKLEDKVVLDQLRCNGVLEGIRITRKGFPNRIIYADFVKRYYLLA
PNVPRDAEDSQKATDAVLKHLNIDPEQYRFGITKIFFRAGQLARIEEAREQRLESNEPPMDFDDDIPF
;
_entity_poly.pdbx_strand_id   A
#
# COMPACT_ATOMS: atom_id res chain seq x y z
N GLU A 12 -27.79 -8.52 -20.18
CA GLU A 12 -27.13 -7.88 -21.31
C GLU A 12 -27.97 -6.73 -21.86
N ASN A 13 -29.07 -6.44 -21.17
CA ASN A 13 -29.82 -5.23 -21.49
C ASN A 13 -29.00 -3.98 -21.23
N PRO A 14 -28.40 -3.78 -20.05
CA PRO A 14 -27.68 -2.53 -19.79
C PRO A 14 -26.29 -2.47 -20.41
N ILE A 15 -25.67 -3.62 -20.72
CA ILE A 15 -24.38 -3.60 -21.37
C ILE A 15 -24.50 -2.99 -22.77
N HIS A 16 -25.60 -3.28 -23.46
CA HIS A 16 -25.82 -2.83 -24.82
C HIS A 16 -26.86 -1.72 -24.92
N ASP A 17 -27.26 -1.13 -23.80
CA ASP A 17 -28.20 -0.02 -23.77
C ASP A 17 -27.42 1.26 -23.47
N ARG A 18 -27.33 2.15 -24.46
CA ARG A 18 -26.62 3.41 -24.29
C ARG A 18 -27.28 4.30 -23.25
N THR A 19 -28.53 4.03 -22.88
CA THR A 19 -29.21 4.81 -21.87
C THR A 19 -28.79 4.43 -20.45
N SER A 20 -28.22 3.24 -20.27
CA SER A 20 -27.93 2.74 -18.93
C SER A 20 -26.80 3.53 -18.28
N ASP A 21 -26.81 3.52 -16.95
CA ASP A 21 -25.68 4.10 -16.22
C ASP A 21 -24.38 3.40 -16.56
N TYR A 22 -24.44 2.12 -16.92
CA TYR A 22 -23.25 1.39 -17.31
C TYR A 22 -22.54 2.10 -18.46
N HIS A 23 -23.23 2.30 -19.58
CA HIS A 23 -22.59 2.95 -20.73
C HIS A 23 -22.31 4.42 -20.46
N LYS A 24 -23.13 5.06 -19.61
CA LYS A 24 -22.91 6.48 -19.33
C LYS A 24 -21.63 6.68 -18.53
N TYR A 25 -21.31 5.75 -17.64
CA TYR A 25 -20.20 5.96 -16.70
C TYR A 25 -19.04 4.99 -16.86
N LEU A 26 -19.14 3.99 -17.74
CA LEU A 26 -18.05 3.04 -17.91
C LEU A 26 -17.64 2.83 -19.37
N LYS A 27 -18.25 3.54 -20.31
CA LYS A 27 -17.95 3.37 -21.73
C LYS A 27 -17.58 4.70 -22.35
N VAL A 28 -16.87 4.63 -23.47
CA VAL A 28 -16.49 5.83 -24.20
C VAL A 28 -17.70 6.39 -24.91
N LYS A 29 -17.91 7.69 -24.82
CA LYS A 29 -19.05 8.32 -25.38
C LYS A 29 -19.01 8.27 -26.88
N GLN A 30 -20.17 8.22 -27.52
CA GLN A 30 -20.22 8.13 -28.97
C GLN A 30 -19.67 9.40 -29.61
N GLY A 31 -18.71 9.22 -30.52
CA GLY A 31 -18.19 10.34 -31.26
C GLY A 31 -19.22 10.92 -32.20
N ASP A 32 -19.00 12.18 -32.59
CA ASP A 32 -19.96 12.93 -33.37
C ASP A 32 -19.65 12.85 -34.86
N SER A 33 -20.49 13.50 -35.66
CA SER A 33 -20.29 13.50 -37.11
C SER A 33 -18.91 14.03 -37.49
N ASP A 34 -18.44 15.07 -36.79
CA ASP A 34 -17.15 15.65 -37.13
C ASP A 34 -16.00 14.73 -36.78
N LEU A 35 -16.12 13.96 -35.70
CA LEU A 35 -15.03 13.07 -35.30
C LEU A 35 -14.83 11.94 -36.28
N PHE A 36 -15.91 11.47 -36.92
CA PHE A 36 -15.77 10.42 -37.91
C PHE A 36 -14.88 10.87 -39.06
N LYS A 37 -15.05 12.12 -39.51
CA LYS A 37 -14.25 12.61 -40.63
C LYS A 37 -12.76 12.61 -40.30
N LEU A 38 -12.41 12.79 -39.04
CA LEU A 38 -11.01 12.73 -38.65
C LEU A 38 -10.54 11.30 -38.40
N THR A 39 -11.45 10.43 -37.97
CA THR A 39 -11.11 9.02 -37.80
C THR A 39 -10.87 8.34 -39.14
N VAL A 40 -11.37 8.90 -40.22
CA VAL A 40 -11.17 8.33 -41.56
C VAL A 40 -9.94 8.88 -42.26
N SER A 41 -9.28 9.88 -41.69
CA SER A 41 -8.21 10.58 -42.40
C SER A 41 -7.06 9.63 -42.72
N ASP A 42 -6.36 9.94 -43.80
CA ASP A 42 -5.14 9.24 -44.17
C ASP A 42 -3.90 9.87 -43.54
N LYS A 43 -4.03 11.03 -42.91
CA LYS A 43 -2.89 11.71 -42.32
C LYS A 43 -2.34 10.92 -41.13
N ARG A 44 -1.04 11.07 -40.90
CA ARG A 44 -0.35 10.41 -39.80
C ARG A 44 0.32 11.47 -38.94
N TYR A 45 0.34 11.24 -37.63
CA TYR A 45 0.85 12.21 -36.67
C TYR A 45 1.90 11.56 -35.79
N ILE A 46 2.53 12.39 -34.95
CA ILE A 46 3.71 12.01 -34.20
C ILE A 46 3.72 12.78 -32.89
N TRP A 47 4.24 12.14 -31.85
CA TRP A 47 4.42 12.77 -30.54
C TRP A 47 5.86 13.26 -30.43
N TYR A 48 6.03 14.56 -30.19
CA TYR A 48 7.35 15.16 -30.10
C TYR A 48 7.40 16.06 -28.86
N ASN A 49 8.61 16.47 -28.50
CA ASN A 49 8.83 17.34 -27.35
C ASN A 49 9.14 18.75 -27.83
N PRO A 50 8.21 19.72 -27.70
CA PRO A 50 8.56 21.10 -28.07
C PRO A 50 9.80 21.61 -27.35
N ASP A 51 9.92 21.33 -26.05
CA ASP A 51 11.13 21.63 -25.30
C ASP A 51 11.94 20.36 -25.18
N PRO A 52 13.05 20.21 -25.92
CA PRO A 52 13.76 18.92 -25.94
C PRO A 52 14.08 18.35 -24.56
N LYS A 53 14.41 19.21 -23.59
CA LYS A 53 14.80 18.72 -22.27
C LYS A 53 13.64 18.69 -21.27
N GLU A 54 12.44 19.08 -21.69
CA GLU A 54 11.21 18.83 -20.92
C GLU A 54 10.61 17.55 -21.47
N ARG A 55 11.19 16.42 -21.06
CA ARG A 55 11.00 15.15 -21.77
C ARG A 55 9.59 14.61 -21.67
N ASP A 56 8.81 15.01 -20.67
CA ASP A 56 7.51 14.41 -20.43
C ASP A 56 6.34 15.22 -20.96
N SER A 57 6.59 16.38 -21.55
CA SER A 57 5.51 17.21 -22.11
C SER A 57 5.58 17.16 -23.64
N TYR A 58 4.53 16.65 -24.26
CA TYR A 58 4.46 16.38 -25.69
C TYR A 58 3.42 17.25 -26.36
N GLU A 59 3.46 17.26 -27.68
CA GLU A 59 2.43 17.86 -28.51
C GLU A 59 2.28 17.02 -29.77
N CYS A 60 1.17 17.22 -30.47
CA CYS A 60 0.85 16.46 -31.67
C CYS A 60 1.33 17.20 -32.90
N GLY A 61 1.91 16.46 -33.84
CA GLY A 61 2.40 17.03 -35.08
C GLY A 61 2.11 16.12 -36.24
N GLU A 62 1.90 16.72 -37.41
CA GLU A 62 1.57 15.98 -38.62
C GLU A 62 2.85 15.57 -39.35
N ILE A 63 2.95 14.30 -39.70
CA ILE A 63 4.03 13.84 -40.56
C ILE A 63 3.76 14.29 -41.98
N VAL A 64 4.69 15.02 -42.57
CA VAL A 64 4.51 15.58 -43.90
C VAL A 64 5.37 14.90 -44.95
N SER A 65 6.50 14.30 -44.57
CA SER A 65 7.34 13.58 -45.50
C SER A 65 8.17 12.59 -44.71
N GLU A 66 8.71 11.59 -45.42
CA GLU A 66 9.55 10.58 -44.80
C GLU A 66 10.63 10.16 -45.79
N THR A 67 11.79 9.83 -45.24
CA THR A 67 12.87 9.21 -45.99
C THR A 67 12.92 7.73 -45.61
N SER A 68 13.93 7.02 -46.11
CA SER A 68 14.07 5.61 -45.74
C SER A 68 14.27 5.43 -44.25
N ASP A 69 14.76 6.45 -43.54
CA ASP A 69 15.09 6.31 -42.13
C ASP A 69 14.58 7.46 -41.28
N SER A 70 13.81 8.39 -41.83
CA SER A 70 13.42 9.58 -41.09
C SER A 70 12.01 10.01 -41.40
N PHE A 71 11.36 10.60 -40.40
CA PHE A 71 10.10 11.32 -40.57
C PHE A 71 10.37 12.81 -40.49
N THR A 72 9.62 13.59 -41.26
CA THR A 72 9.63 15.05 -41.18
C THR A 72 8.21 15.49 -40.87
N PHE A 73 8.04 16.23 -39.77
CA PHE A 73 6.73 16.60 -39.27
C PHE A 73 6.69 18.09 -38.96
N LYS A 74 5.48 18.61 -38.78
CA LYS A 74 5.25 20.01 -38.50
C LYS A 74 5.03 20.23 -37.01
N THR A 75 5.45 21.39 -36.53
CA THR A 75 5.26 21.79 -35.14
C THR A 75 4.00 22.65 -35.02
N VAL A 76 3.54 22.80 -33.78
CA VAL A 76 2.40 23.69 -33.52
C VAL A 76 2.69 25.08 -34.07
N ASP A 77 3.95 25.51 -34.04
CA ASP A 77 4.30 26.86 -34.49
C ASP A 77 4.33 26.95 -36.01
N GLY A 78 4.64 25.87 -36.71
CA GLY A 78 4.78 25.87 -38.15
C GLY A 78 6.15 25.46 -38.63
N GLN A 79 7.17 25.51 -37.77
CA GLN A 79 8.49 25.03 -38.16
C GLN A 79 8.41 23.55 -38.54
N ASP A 80 9.49 23.07 -39.14
CA ASP A 80 9.60 21.68 -39.57
C ASP A 80 10.78 21.03 -38.86
N ARG A 81 10.53 19.90 -38.21
CA ARG A 81 11.55 19.19 -37.47
C ARG A 81 11.69 17.77 -38.00
N GLN A 82 12.86 17.19 -37.76
CA GLN A 82 13.24 15.90 -38.32
C GLN A 82 13.59 14.94 -37.19
N VAL A 83 13.16 13.69 -37.32
CA VAL A 83 13.45 12.66 -36.34
C VAL A 83 13.68 11.34 -37.08
N LYS A 84 14.68 10.58 -36.64
CA LYS A 84 14.94 9.28 -37.21
C LYS A 84 13.86 8.29 -36.78
N LYS A 85 13.46 7.41 -37.71
CA LYS A 85 12.32 6.54 -37.45
C LYS A 85 12.54 5.66 -36.24
N ASP A 86 13.80 5.31 -35.93
CA ASP A 86 14.08 4.48 -34.77
C ASP A 86 13.86 5.22 -33.45
N ASP A 87 13.69 6.54 -33.49
CA ASP A 87 13.48 7.34 -32.29
C ASP A 87 12.17 8.09 -32.33
N ALA A 88 11.22 7.65 -33.16
CA ALA A 88 9.97 8.36 -33.36
C ALA A 88 8.86 7.74 -32.52
N ASN A 89 8.11 8.58 -31.81
CA ASN A 89 6.94 8.15 -31.07
C ASN A 89 5.71 8.47 -31.92
N GLN A 90 5.41 7.57 -32.85
CA GLN A 90 4.23 7.73 -33.70
C GLN A 90 2.98 7.80 -32.84
N ARG A 91 2.00 8.57 -33.32
CA ARG A 91 0.70 8.64 -32.68
C ARG A 91 -0.22 7.58 -33.27
N ASN A 92 -0.89 6.82 -32.40
CA ASN A 92 -1.84 5.83 -32.87
C ASN A 92 -3.02 6.50 -33.55
N PRO A 93 -3.59 5.88 -34.58
CA PRO A 93 -4.83 6.41 -35.17
C PRO A 93 -5.87 6.66 -34.09
N ILE A 94 -6.61 7.77 -34.24
CA ILE A 94 -7.51 8.20 -33.18
C ILE A 94 -8.64 7.22 -32.93
N LYS A 95 -8.88 6.27 -33.84
CA LYS A 95 -9.83 5.21 -33.55
C LYS A 95 -9.41 4.40 -32.34
N PHE A 96 -8.13 4.45 -31.96
CA PHE A 96 -7.65 3.78 -30.77
C PHE A 96 -7.88 4.61 -29.50
N ASP A 97 -8.09 5.92 -29.64
CA ASP A 97 -8.26 6.77 -28.47
C ASP A 97 -9.43 6.28 -27.63
N GLY A 98 -9.13 5.92 -26.38
CA GLY A 98 -10.13 5.39 -25.47
C GLY A 98 -10.21 3.89 -25.41
N VAL A 99 -9.31 3.18 -26.09
CA VAL A 99 -9.36 1.73 -26.12
C VAL A 99 -9.25 1.18 -24.70
N GLU A 100 -10.00 0.11 -24.43
CA GLU A 100 -10.06 -0.42 -23.08
C GLU A 100 -8.83 -1.24 -22.72
N ASP A 101 -8.18 -1.86 -23.70
CA ASP A 101 -6.98 -2.66 -23.49
C ASP A 101 -5.90 -2.11 -24.42
N MET A 102 -4.84 -1.54 -23.83
CA MET A 102 -3.80 -0.92 -24.61
C MET A 102 -2.81 -1.92 -25.20
N SER A 103 -3.03 -3.21 -24.98
CA SER A 103 -2.34 -4.21 -25.78
C SER A 103 -2.70 -4.06 -27.26
N GLU A 104 -3.88 -3.52 -27.55
CA GLU A 104 -4.37 -3.40 -28.91
C GLU A 104 -3.76 -2.24 -29.69
N LEU A 105 -3.04 -1.33 -29.01
CA LEU A 105 -2.46 -0.20 -29.69
C LEU A 105 -1.44 -0.65 -30.73
N SER A 106 -1.40 0.05 -31.86
CA SER A 106 -0.41 -0.26 -32.88
C SER A 106 0.98 0.19 -32.46
N TYR A 107 1.10 1.45 -32.03
CA TYR A 107 2.35 2.00 -31.54
C TYR A 107 2.30 2.06 -30.02
N LEU A 108 3.28 1.44 -29.37
CA LEU A 108 3.37 1.42 -27.91
C LEU A 108 4.58 2.25 -27.48
N ASN A 109 4.34 3.49 -27.12
CA ASN A 109 5.36 4.40 -26.62
C ASN A 109 4.77 5.22 -25.49
N GLU A 110 5.66 5.83 -24.70
CA GLU A 110 5.22 6.58 -23.52
C GLU A 110 4.16 7.62 -23.83
N PRO A 111 4.34 8.54 -24.79
CA PRO A 111 3.28 9.53 -25.05
C PRO A 111 1.97 8.90 -25.51
N ALA A 112 2.03 7.78 -26.21
CA ALA A 112 0.80 7.13 -26.67
C ALA A 112 0.05 6.50 -25.50
N VAL A 113 0.77 5.79 -24.63
CA VAL A 113 0.12 5.17 -23.47
C VAL A 113 -0.51 6.25 -22.59
N PHE A 114 0.23 7.32 -22.33
CA PHE A 114 -0.31 8.41 -21.53
C PHE A 114 -1.50 9.06 -22.23
N HIS A 115 -1.46 9.16 -23.54
CA HIS A 115 -2.54 9.76 -24.28
C HIS A 115 -3.83 9.02 -24.10
N ASN A 116 -3.82 7.72 -24.33
CA ASN A 116 -5.02 6.92 -24.14
C ASN A 116 -5.60 7.12 -22.75
N LEU A 117 -4.75 7.02 -21.73
CA LEU A 117 -5.23 7.18 -20.35
C LEU A 117 -5.87 8.55 -20.16
N ARG A 118 -5.29 9.57 -20.76
CA ARG A 118 -5.78 10.93 -20.70
C ARG A 118 -7.15 11.01 -21.32
N VAL A 119 -7.30 10.45 -22.50
CA VAL A 119 -8.59 10.44 -23.20
C VAL A 119 -9.65 9.82 -22.31
N ARG A 120 -9.27 8.75 -21.66
CA ARG A 120 -10.14 8.07 -20.76
C ARG A 120 -10.32 8.88 -19.49
N TYR A 121 -9.29 9.46 -18.93
CA TYR A 121 -9.43 10.20 -17.71
C TYR A 121 -10.33 11.40 -17.84
N ASN A 122 -10.31 12.07 -18.97
CA ASN A 122 -11.14 13.22 -19.24
C ASN A 122 -12.66 12.93 -19.20
N GLN A 123 -13.07 11.68 -19.40
CA GLN A 123 -14.46 11.26 -19.27
C GLN A 123 -14.70 10.43 -18.02
N ASP A 124 -13.80 10.54 -17.04
CA ASP A 124 -13.94 9.81 -15.77
C ASP A 124 -13.88 8.30 -15.98
N LEU A 125 -13.15 7.87 -17.02
CA LEU A 125 -12.87 6.45 -17.25
C LEU A 125 -11.53 6.15 -16.58
N ILE A 126 -11.58 5.80 -15.29
CA ILE A 126 -10.35 5.68 -14.53
C ILE A 126 -9.66 4.34 -14.71
N TYR A 127 -10.38 3.31 -15.18
CA TYR A 127 -9.83 1.97 -15.28
C TYR A 127 -9.47 1.66 -16.74
N THR A 128 -8.26 1.17 -16.95
CA THR A 128 -7.79 0.76 -18.26
C THR A 128 -6.90 -0.46 -18.11
N TYR A 129 -7.10 -1.45 -18.98
CA TYR A 129 -6.25 -2.63 -18.97
C TYR A 129 -4.93 -2.36 -19.69
N SER A 130 -3.87 -2.99 -19.21
CA SER A 130 -2.57 -3.02 -19.89
C SER A 130 -2.22 -4.50 -19.99
N GLY A 131 -2.75 -5.17 -21.01
CA GLY A 131 -2.58 -6.61 -21.09
C GLY A 131 -3.31 -7.32 -19.96
N LEU A 132 -2.55 -8.05 -19.16
CA LEU A 132 -3.15 -8.90 -18.13
C LEU A 132 -3.49 -8.15 -16.85
N PHE A 133 -2.91 -6.98 -16.63
CA PHE A 133 -3.13 -6.23 -15.39
C PHE A 133 -3.92 -4.94 -15.66
N LEU A 134 -4.43 -4.37 -14.57
CA LEU A 134 -5.31 -3.21 -14.61
C LEU A 134 -4.58 -1.97 -14.13
N VAL A 135 -4.96 -0.83 -14.71
CA VAL A 135 -4.44 0.48 -14.33
C VAL A 135 -5.61 1.31 -13.79
N ALA A 136 -5.39 1.97 -12.65
CA ALA A 136 -6.42 2.77 -11.99
C ALA A 136 -5.85 4.15 -11.70
N VAL A 137 -6.37 5.17 -12.36
CA VAL A 137 -5.94 6.55 -12.16
C VAL A 137 -6.91 7.21 -11.19
N ASN A 138 -6.40 7.65 -10.05
CA ASN A 138 -7.23 8.23 -9.00
C ASN A 138 -8.01 9.41 -9.54
N PRO A 139 -9.35 9.39 -9.46
CA PRO A 139 -10.13 10.55 -9.92
C PRO A 139 -10.20 11.69 -8.91
N PHE A 140 -10.03 11.40 -7.61
CA PHE A 140 -10.20 12.42 -6.57
C PHE A 140 -11.59 13.05 -6.65
N LYS A 141 -12.58 12.24 -7.00
CA LYS A 141 -13.97 12.64 -7.05
C LYS A 141 -14.82 11.40 -7.03
N ARG A 142 -16.02 11.47 -6.49
CA ARG A 142 -16.90 10.32 -6.41
C ARG A 142 -17.63 10.10 -7.73
N ILE A 143 -17.48 8.93 -8.38
CA ILE A 143 -18.10 8.58 -9.68
C ILE A 143 -18.95 7.33 -9.46
N PRO A 144 -20.21 7.31 -9.92
CA PRO A 144 -21.14 6.23 -9.50
C PRO A 144 -21.00 4.96 -10.33
N ILE A 145 -19.93 4.20 -10.06
CA ILE A 145 -19.73 2.93 -10.74
C ILE A 145 -19.48 1.82 -9.73
N TYR A 146 -19.86 2.04 -8.48
CA TYR A 146 -19.68 1.06 -7.42
C TYR A 146 -20.99 0.72 -6.73
N THR A 147 -22.13 0.94 -7.39
CA THR A 147 -23.42 0.62 -6.79
C THR A 147 -23.68 -0.88 -6.83
N GLN A 148 -24.72 -1.30 -6.11
CA GLN A 148 -25.12 -2.70 -6.15
C GLN A 148 -25.54 -3.10 -7.56
N GLU A 149 -26.20 -2.20 -8.29
CA GLU A 149 -26.57 -2.48 -9.67
C GLU A 149 -25.35 -2.80 -10.51
N MET A 150 -24.26 -2.05 -10.31
CA MET A 150 -23.04 -2.32 -11.07
C MET A 150 -22.43 -3.66 -10.70
N VAL A 151 -22.46 -4.01 -9.41
CA VAL A 151 -21.97 -5.32 -8.99
C VAL A 151 -22.67 -6.42 -9.78
N ASP A 152 -24.00 -6.32 -9.90
CA ASP A 152 -24.78 -7.38 -10.53
C ASP A 152 -24.40 -7.52 -12.01
N ILE A 153 -24.13 -6.41 -12.68
CA ILE A 153 -23.80 -6.48 -14.10
C ILE A 153 -22.51 -7.28 -14.31
N PHE A 154 -21.47 -6.96 -13.53
CA PHE A 154 -20.19 -7.63 -13.70
C PHE A 154 -20.21 -9.08 -13.21
N LYS A 155 -21.22 -9.48 -12.46
CA LYS A 155 -21.25 -10.82 -11.88
C LYS A 155 -21.13 -11.88 -12.98
N GLY A 156 -20.03 -12.63 -12.94
CA GLY A 156 -19.85 -13.77 -13.82
C GLY A 156 -19.40 -13.44 -15.23
N ARG A 157 -19.22 -12.17 -15.58
CA ARG A 157 -18.90 -11.80 -16.95
C ARG A 157 -17.41 -11.94 -17.23
N ARG A 158 -17.09 -12.36 -18.45
CA ARG A 158 -15.71 -12.46 -18.89
C ARG A 158 -15.09 -11.07 -19.02
N ARG A 159 -13.76 -11.03 -18.99
CA ARG A 159 -13.07 -9.75 -19.04
C ARG A 159 -13.36 -9.01 -20.34
N ASN A 160 -13.42 -9.75 -21.45
CA ASN A 160 -13.64 -9.12 -22.75
C ASN A 160 -15.06 -8.57 -22.88
N GLU A 161 -16.02 -9.17 -22.18
CA GLU A 161 -17.43 -8.85 -22.42
C GLU A 161 -17.82 -7.51 -21.80
N VAL A 162 -17.18 -7.10 -20.71
CA VAL A 162 -17.53 -5.86 -20.04
C VAL A 162 -16.30 -4.95 -19.98
N ALA A 163 -16.55 -3.71 -19.54
CA ALA A 163 -15.53 -2.67 -19.53
C ALA A 163 -14.56 -2.86 -18.37
N PRO A 164 -13.39 -2.21 -18.44
CA PRO A 164 -12.45 -2.29 -17.31
C PRO A 164 -13.08 -1.78 -16.02
N HIS A 165 -12.82 -2.50 -14.93
CA HIS A 165 -13.39 -2.19 -13.63
C HIS A 165 -12.70 -3.03 -12.58
N ILE A 166 -12.64 -2.52 -11.35
CA ILE A 166 -12.06 -3.28 -10.26
C ILE A 166 -12.89 -4.53 -9.99
N PHE A 167 -14.21 -4.42 -10.16
CA PHE A 167 -15.06 -5.60 -10.01
C PHE A 167 -14.70 -6.67 -11.03
N ALA A 168 -14.31 -6.26 -12.24
CA ALA A 168 -14.05 -7.22 -13.31
C ALA A 168 -12.87 -8.12 -12.96
N ILE A 169 -11.76 -7.54 -12.51
CA ILE A 169 -10.60 -8.36 -12.19
C ILE A 169 -10.83 -9.10 -10.87
N SER A 170 -11.65 -8.55 -9.99
CA SER A 170 -12.03 -9.28 -8.79
C SER A 170 -12.85 -10.52 -9.14
N ASP A 171 -13.71 -10.40 -10.16
CA ASP A 171 -14.48 -11.56 -10.61
C ASP A 171 -13.57 -12.58 -11.28
N VAL A 172 -12.60 -12.12 -12.07
CA VAL A 172 -11.69 -13.05 -12.73
C VAL A 172 -10.93 -13.87 -11.70
N ALA A 173 -10.48 -13.24 -10.62
CA ALA A 173 -9.81 -13.98 -9.55
C ALA A 173 -10.75 -14.99 -8.92
N TYR A 174 -12.01 -14.61 -8.73
CA TYR A 174 -12.98 -15.52 -8.13
C TYR A 174 -13.25 -16.72 -9.03
N ARG A 175 -13.40 -16.49 -10.33
CA ARG A 175 -13.65 -17.60 -11.25
C ARG A 175 -12.42 -18.49 -11.39
N SER A 176 -11.23 -17.88 -11.43
CA SER A 176 -10.00 -18.67 -11.51
C SER A 176 -9.81 -19.50 -10.24
N MET A 177 -10.28 -19.01 -9.10
CA MET A 177 -10.19 -19.78 -7.87
C MET A 177 -11.02 -21.05 -7.96
N LEU A 178 -12.22 -20.97 -8.53
CA LEU A 178 -13.10 -22.12 -8.61
C LEU A 178 -12.70 -23.05 -9.76
N ASP A 179 -12.29 -22.49 -10.89
CA ASP A 179 -11.94 -23.31 -12.05
C ASP A 179 -10.65 -24.08 -11.80
N ASP A 180 -9.62 -23.39 -11.29
CA ASP A 180 -8.33 -24.01 -11.07
C ASP A 180 -8.19 -24.65 -9.69
N ARG A 181 -9.09 -24.34 -8.75
CA ARG A 181 -9.01 -24.85 -7.39
C ARG A 181 -7.69 -24.45 -6.75
N GLN A 182 -7.39 -23.15 -6.79
CA GLN A 182 -6.16 -22.62 -6.23
C GLN A 182 -6.43 -21.24 -5.62
N ASN A 183 -5.58 -20.86 -4.68
CA ASN A 183 -5.71 -19.57 -4.02
C ASN A 183 -5.21 -18.46 -4.93
N GLN A 184 -5.85 -17.30 -4.81
CA GLN A 184 -5.56 -16.14 -5.66
C GLN A 184 -5.17 -14.96 -4.78
N SER A 185 -4.52 -13.98 -5.41
CA SER A 185 -4.13 -12.75 -4.73
C SER A 185 -4.43 -11.57 -5.65
N LEU A 186 -4.84 -10.46 -5.05
CA LEU A 186 -5.05 -9.21 -5.77
C LEU A 186 -4.10 -8.16 -5.17
N LEU A 187 -3.00 -7.92 -5.87
CA LEU A 187 -1.93 -7.05 -5.41
C LEU A 187 -2.12 -5.66 -6.02
N ILE A 188 -2.37 -4.68 -5.18
CA ILE A 188 -2.69 -3.32 -5.60
C ILE A 188 -1.51 -2.43 -5.23
N THR A 189 -0.74 -2.03 -6.25
CA THR A 189 0.42 -1.20 -6.04
C THR A 189 0.07 0.27 -6.24
N GLY A 190 0.97 1.14 -5.82
CA GLY A 190 0.80 2.57 -5.98
C GLY A 190 1.49 3.32 -4.87
N GLU A 191 1.82 4.59 -5.15
CA GLU A 191 2.43 5.45 -4.16
C GLU A 191 1.34 6.06 -3.27
N SER A 192 1.75 6.76 -2.25
CA SER A 192 0.83 7.36 -1.31
C SER A 192 -0.17 8.25 -2.01
N GLY A 193 -1.45 8.02 -1.90
CA GLY A 193 -2.47 8.83 -2.56
C GLY A 193 -2.96 8.33 -3.92
N ALA A 194 -2.36 7.26 -4.43
CA ALA A 194 -2.68 6.71 -5.76
C ALA A 194 -4.02 5.98 -5.95
N GLY A 195 -4.57 5.43 -4.88
CA GLY A 195 -5.86 4.71 -4.95
C GLY A 195 -5.93 3.24 -4.46
N LYS A 196 -5.06 2.84 -3.51
CA LYS A 196 -4.97 1.45 -3.10
C LYS A 196 -6.11 1.07 -2.15
N THR A 197 -6.27 1.82 -1.07
CA THR A 197 -7.26 1.45 -0.06
C THR A 197 -8.68 1.58 -0.61
N GLU A 198 -8.93 2.59 -1.43
CA GLU A 198 -10.26 2.74 -2.02
C GLU A 198 -10.60 1.52 -2.89
N ASN A 199 -9.65 1.09 -3.72
CA ASN A 199 -9.90 -0.09 -4.56
C ASN A 199 -9.90 -1.37 -3.74
N THR A 200 -9.13 -1.42 -2.65
CA THR A 200 -9.22 -2.55 -1.73
C THR A 200 -10.64 -2.72 -1.22
N LYS A 201 -11.26 -1.62 -0.76
CA LYS A 201 -12.63 -1.68 -0.28
C LYS A 201 -13.56 -2.27 -1.33
N LYS A 202 -13.38 -1.88 -2.60
CA LYS A 202 -14.28 -2.37 -3.65
C LYS A 202 -14.09 -3.86 -3.87
N VAL A 203 -12.86 -4.35 -3.80
CA VAL A 203 -12.62 -5.79 -3.95
C VAL A 203 -13.36 -6.56 -2.87
N ILE A 204 -13.32 -6.07 -1.63
CA ILE A 204 -14.05 -6.75 -0.56
C ILE A 204 -15.55 -6.65 -0.79
N GLN A 205 -16.03 -5.48 -1.18
CA GLN A 205 -17.46 -5.32 -1.49
C GLN A 205 -17.90 -6.34 -2.51
N TYR A 206 -17.21 -6.41 -3.65
CA TYR A 206 -17.63 -7.29 -4.73
C TYR A 206 -17.62 -8.75 -4.29
N LEU A 207 -16.51 -9.21 -3.71
CA LEU A 207 -16.43 -10.59 -3.25
C LEU A 207 -17.50 -10.87 -2.20
N ALA A 208 -17.73 -9.93 -1.29
CA ALA A 208 -18.72 -10.13 -0.24
C ALA A 208 -20.12 -10.29 -0.82
N SER A 209 -20.37 -9.74 -2.01
CA SER A 209 -21.69 -9.78 -2.62
C SER A 209 -21.86 -11.02 -3.50
N VAL A 210 -20.97 -11.22 -4.46
CA VAL A 210 -21.15 -12.31 -5.40
C VAL A 210 -20.92 -13.66 -4.76
N ALA A 211 -20.19 -13.71 -3.64
CA ALA A 211 -19.94 -14.96 -2.93
C ALA A 211 -20.62 -15.01 -1.57
N GLY A 212 -21.41 -14.00 -1.22
CA GLY A 212 -22.09 -14.00 0.06
C GLY A 212 -23.35 -14.85 0.04
N ARG A 213 -23.83 -15.15 1.24
CA ARG A 213 -25.02 -15.98 1.43
C ARG A 213 -26.24 -15.10 1.68
N ASN A 214 -27.29 -15.32 0.90
CA ASN A 214 -28.52 -14.55 1.03
C ASN A 214 -29.51 -15.27 1.94
N SER A 219 -29.47 -14.77 6.09
CA SER A 219 -28.80 -14.28 7.28
C SER A 219 -27.29 -14.23 7.07
N GLY A 220 -26.85 -13.34 6.17
CA GLY A 220 -25.44 -13.18 5.89
C GLY A 220 -24.81 -12.09 6.72
N VAL A 221 -24.75 -12.29 8.04
CA VAL A 221 -24.14 -11.29 8.91
C VAL A 221 -22.62 -11.37 8.86
N LEU A 222 -22.07 -12.55 8.58
CA LEU A 222 -20.62 -12.67 8.43
C LEU A 222 -20.11 -11.70 7.37
N GLU A 223 -20.87 -11.58 6.31
CA GLU A 223 -20.52 -10.70 5.23
C GLU A 223 -20.56 -9.27 5.67
N GLN A 224 -21.53 -8.84 6.44
CA GLN A 224 -21.52 -7.47 6.94
C GLN A 224 -20.36 -7.25 7.89
N GLN A 225 -20.06 -8.24 8.70
CA GLN A 225 -18.99 -8.13 9.66
C GLN A 225 -17.65 -7.93 8.99
N ILE A 226 -17.42 -8.60 7.89
CA ILE A 226 -16.21 -8.40 7.15
C ILE A 226 -16.15 -6.99 6.61
N LEU A 227 -17.25 -6.48 6.11
CA LEU A 227 -17.29 -5.14 5.59
C LEU A 227 -17.04 -4.08 6.63
N GLN A 228 -17.51 -4.31 7.85
CA GLN A 228 -17.31 -3.37 8.94
C GLN A 228 -16.00 -3.49 9.71
N ALA A 229 -15.16 -4.44 9.36
CA ALA A 229 -13.88 -4.59 10.04
C ALA A 229 -12.89 -3.51 9.64
N ASN A 230 -12.93 -3.06 8.38
CA ASN A 230 -11.96 -2.10 7.87
C ASN A 230 -12.24 -0.70 8.39
N PRO A 231 -13.50 -0.26 8.45
CA PRO A 231 -13.78 1.04 9.11
C PRO A 231 -13.20 1.14 10.51
N ILE A 232 -13.12 0.03 11.24
CA ILE A 232 -12.50 0.07 12.56
C ILE A 232 -11.01 0.38 12.45
N LEU A 233 -10.29 -0.40 11.63
CA LEU A 233 -8.84 -0.25 11.55
C LEU A 233 -8.45 1.09 10.96
N GLU A 234 -9.29 1.69 10.12
CA GLU A 234 -8.95 2.96 9.51
C GLU A 234 -8.96 4.09 10.55
N ALA A 235 -9.86 4.02 11.53
CA ALA A 235 -9.94 5.08 12.53
C ALA A 235 -8.68 5.11 13.38
N PHE A 236 -8.15 3.94 13.73
CA PHE A 236 -6.91 3.88 14.50
C PHE A 236 -5.67 3.73 13.63
N GLY A 237 -5.84 3.33 12.37
CA GLY A 237 -4.70 3.01 11.53
C GLY A 237 -4.34 4.05 10.49
N ASN A 238 -5.30 4.90 10.13
CA ASN A 238 -5.07 5.91 9.11
C ASN A 238 -4.95 7.29 9.72
N ALA A 239 -4.30 8.19 8.98
CA ALA A 239 -4.09 9.56 9.41
C ALA A 239 -3.83 10.41 8.18
N LYS A 240 -3.89 11.70 8.37
CA LYS A 240 -3.68 12.60 7.29
C LYS A 240 -2.21 13.02 7.20
N THR A 241 -1.59 12.75 6.07
CA THR A 241 -0.24 13.18 5.77
C THR A 241 -0.28 14.25 4.68
N THR A 242 0.88 14.78 4.33
CA THR A 242 0.96 15.78 3.27
C THR A 242 0.62 15.22 1.90
N ARG A 243 0.56 13.90 1.75
CA ARG A 243 0.28 13.27 0.47
C ARG A 243 -1.08 12.61 0.40
N ASN A 244 -1.77 12.45 1.53
CA ASN A 244 -3.06 11.76 1.54
C ASN A 244 -3.77 12.09 2.84
N ASN A 245 -5.04 12.52 2.74
CA ASN A 245 -5.82 12.85 3.92
C ASN A 245 -6.29 11.62 4.68
N ASN A 246 -6.27 10.45 4.05
CA ASN A 246 -6.64 9.19 4.67
C ASN A 246 -5.53 8.17 4.48
N SER A 247 -4.30 8.58 4.78
CA SER A 247 -3.15 7.72 4.57
C SER A 247 -3.20 6.52 5.52
N SER A 248 -3.06 5.32 4.95
CA SER A 248 -2.92 4.11 5.75
C SER A 248 -1.52 4.07 6.33
N ARG A 249 -1.40 4.25 7.64
CA ARG A 249 -0.11 4.17 8.32
C ARG A 249 0.24 2.75 8.73
N PHE A 250 -0.40 1.75 8.12
CA PHE A 250 -0.13 0.36 8.37
C PHE A 250 -0.49 -0.44 7.13
N GLY A 251 0.25 -1.51 6.89
CA GLY A 251 -0.10 -2.43 5.84
C GLY A 251 -0.97 -3.56 6.33
N LYS A 252 -1.74 -4.15 5.42
CA LYS A 252 -2.61 -5.25 5.78
C LYS A 252 -2.76 -6.20 4.60
N PHE A 253 -2.74 -7.49 4.91
CA PHE A 253 -3.07 -8.56 3.97
C PHE A 253 -4.43 -9.10 4.38
N ILE A 254 -5.46 -8.84 3.57
CA ILE A 254 -6.81 -9.29 3.86
C ILE A 254 -7.04 -10.59 3.08
N GLU A 255 -7.37 -11.64 3.81
CA GLU A 255 -7.51 -12.98 3.26
C GLU A 255 -8.97 -13.39 3.36
N ILE A 256 -9.71 -13.16 2.28
CA ILE A 256 -11.10 -13.58 2.20
C ILE A 256 -11.13 -15.08 1.90
N GLN A 257 -11.86 -15.83 2.70
CA GLN A 257 -11.84 -17.28 2.65
C GLN A 257 -13.17 -17.82 2.11
N PHE A 258 -13.07 -18.91 1.37
CA PHE A 258 -14.24 -19.56 0.78
C PHE A 258 -14.22 -21.05 1.12
N ASN A 259 -15.37 -21.69 0.94
CA ASN A 259 -15.50 -23.13 1.05
C ASN A 259 -15.43 -23.77 -0.33
N SER A 260 -15.40 -25.10 -0.34
CA SER A 260 -15.35 -25.82 -1.61
C SER A 260 -16.49 -25.40 -2.52
N ALA A 261 -17.68 -25.18 -1.94
CA ALA A 261 -18.82 -24.77 -2.75
C ALA A 261 -18.57 -23.43 -3.42
N GLY A 262 -17.76 -22.56 -2.81
CA GLY A 262 -17.46 -21.26 -3.36
C GLY A 262 -18.01 -20.08 -2.58
N PHE A 263 -18.75 -20.32 -1.51
CA PHE A 263 -19.29 -19.26 -0.68
C PHE A 263 -18.27 -18.81 0.36
N ILE A 264 -18.40 -17.55 0.80
CA ILE A 264 -17.48 -17.02 1.78
C ILE A 264 -17.63 -17.79 3.09
N SER A 265 -16.51 -18.30 3.60
CA SER A 265 -16.49 -19.05 4.84
C SER A 265 -15.88 -18.30 6.01
N GLY A 266 -15.04 -17.30 5.75
CA GLY A 266 -14.43 -16.55 6.83
C GLY A 266 -13.54 -15.46 6.27
N ALA A 267 -12.61 -15.00 7.10
CA ALA A 267 -11.68 -13.95 6.70
C ALA A 267 -10.62 -13.80 7.78
N SER A 268 -9.49 -13.23 7.38
CA SER A 268 -8.36 -13.02 8.29
C SER A 268 -7.57 -11.81 7.83
N ILE A 269 -7.21 -10.95 8.78
CA ILE A 269 -6.44 -9.74 8.51
C ILE A 269 -5.09 -9.89 9.17
N GLN A 270 -4.03 -9.57 8.42
CA GLN A 270 -2.66 -9.58 8.92
C GLN A 270 -2.09 -8.17 8.76
N SER A 271 -1.96 -7.46 9.88
CA SER A 271 -1.51 -6.08 9.85
C SER A 271 0.01 -6.01 9.87
N TYR A 272 0.53 -4.89 9.39
CA TYR A 272 1.97 -4.70 9.24
C TYR A 272 2.36 -3.26 9.53
N LEU A 273 3.40 -3.08 10.34
CA LEU A 273 4.19 -1.86 10.33
C LEU A 273 3.35 -0.62 10.65
N LEU A 274 2.75 -0.63 11.83
CA LEU A 274 2.02 0.55 12.28
C LEU A 274 3.01 1.66 12.62
N GLU A 275 2.77 2.84 12.06
CA GLU A 275 3.63 4.00 12.31
C GLU A 275 3.24 4.64 13.65
N LYS A 276 3.60 3.93 14.72
CA LYS A 276 3.21 4.37 16.06
C LYS A 276 4.07 5.51 16.58
N SER A 277 5.13 5.90 15.86
CA SER A 277 5.82 7.15 16.19
C SER A 277 4.94 8.35 15.92
N ARG A 278 3.85 8.18 15.15
CA ARG A 278 2.96 9.28 14.83
C ARG A 278 2.10 9.69 16.02
N VAL A 279 1.86 8.79 16.97
CA VAL A 279 1.00 9.11 18.11
C VAL A 279 1.59 10.24 18.93
N VAL A 280 2.92 10.40 18.90
CA VAL A 280 3.60 11.41 19.71
C VAL A 280 4.22 12.52 18.88
N PHE A 281 4.21 12.42 17.56
CA PHE A 281 4.80 13.45 16.72
C PHE A 281 4.16 13.42 15.34
N GLN A 282 3.90 14.60 14.79
CA GLN A 282 3.44 14.75 13.42
C GLN A 282 4.11 15.95 12.78
N SER A 283 4.48 15.82 11.52
CA SER A 283 5.04 16.93 10.78
C SER A 283 3.97 18.01 10.56
N GLU A 284 4.42 19.20 10.18
CA GLU A 284 3.51 20.33 10.08
C GLU A 284 2.40 20.06 9.07
N THR A 285 1.19 20.48 9.44
CA THR A 285 -0.02 20.32 8.63
C THR A 285 -0.54 18.88 8.65
N GLU A 286 0.23 17.96 9.21
CA GLU A 286 -0.21 16.58 9.30
C GLU A 286 -1.04 16.37 10.55
N ARG A 287 -1.72 15.26 10.63
CA ARG A 287 -2.52 15.00 11.77
C ARG A 287 -2.12 13.70 12.42
N ASN A 288 -2.57 13.52 13.66
CA ASN A 288 -2.51 12.25 14.37
C ASN A 288 -3.62 11.33 13.85
N TYR A 289 -3.65 10.11 14.36
CA TYR A 289 -4.63 9.13 13.90
C TYR A 289 -6.04 9.66 14.10
N HIS A 290 -6.92 9.31 13.16
CA HIS A 290 -8.27 9.87 13.14
C HIS A 290 -8.95 9.75 14.49
N ILE A 291 -8.79 8.60 15.15
CA ILE A 291 -9.61 8.29 16.32
C ILE A 291 -9.46 9.35 17.40
N PHE A 292 -8.29 9.97 17.51
CA PHE A 292 -8.10 10.98 18.53
C PHE A 292 -9.04 12.16 18.31
N TYR A 293 -9.29 12.52 17.05
CA TYR A 293 -10.16 13.65 16.75
C TYR A 293 -11.63 13.24 16.73
N GLN A 294 -11.92 11.96 16.45
CA GLN A 294 -13.29 11.49 16.44
C GLN A 294 -13.86 11.44 17.85
N LEU A 295 -13.05 11.04 18.83
CA LEU A 295 -13.51 11.01 20.21
C LEU A 295 -13.77 12.42 20.72
N LEU A 296 -12.76 13.29 20.65
CA LEU A 296 -12.91 14.64 21.17
C LEU A 296 -14.05 15.41 20.50
N ALA A 297 -14.44 15.00 19.29
CA ALA A 297 -15.48 15.71 18.55
C ALA A 297 -16.85 15.07 18.66
N GLY A 298 -16.91 13.75 18.87
CA GLY A 298 -18.18 13.05 18.88
C GLY A 298 -18.55 12.43 20.21
N ALA A 299 -17.74 12.65 21.22
CA ALA A 299 -18.00 12.09 22.55
C ALA A 299 -19.11 12.88 23.24
N THR A 300 -19.97 12.15 23.95
CA THR A 300 -21.03 12.78 24.71
C THR A 300 -20.45 13.62 25.84
N ALA A 301 -21.25 14.57 26.33
CA ALA A 301 -20.83 15.37 27.48
C ALA A 301 -20.55 14.47 28.68
N GLU A 302 -21.34 13.41 28.84
CA GLU A 302 -21.05 12.41 29.87
C GLU A 302 -19.65 11.86 29.70
N GLU A 303 -19.30 11.42 28.49
CA GLU A 303 -18.00 10.80 28.26
C GLU A 303 -16.87 11.80 28.47
N LYS A 304 -17.00 13.00 27.89
CA LYS A 304 -15.93 13.99 28.03
C LYS A 304 -15.64 14.30 29.48
N LYS A 305 -16.69 14.35 30.32
CA LYS A 305 -16.48 14.62 31.74
C LYS A 305 -15.86 13.42 32.45
N ALA A 306 -16.18 12.20 32.00
CA ALA A 306 -15.62 11.02 32.64
C ALA A 306 -14.15 10.84 32.30
N LEU A 307 -13.73 11.24 31.10
CA LEU A 307 -12.36 11.06 30.64
C LEU A 307 -11.54 12.33 30.71
N HIS A 308 -12.03 13.37 31.38
CA HIS A 308 -11.29 14.60 31.60
C HIS A 308 -10.81 15.20 30.27
N LEU A 309 -11.71 15.24 29.30
CA LEU A 309 -11.34 15.60 27.94
C LEU A 309 -11.60 17.08 27.66
N ALA A 310 -10.90 17.58 26.63
CA ALA A 310 -11.04 18.95 26.16
C ALA A 310 -11.00 18.90 24.63
N GLY A 311 -10.81 20.06 24.02
CA GLY A 311 -10.65 20.13 22.59
C GLY A 311 -9.26 19.70 22.18
N PRO A 312 -9.07 19.38 20.89
CA PRO A 312 -7.75 18.93 20.43
C PRO A 312 -6.67 19.98 20.61
N GLU A 313 -7.05 21.25 20.79
CA GLU A 313 -6.07 22.31 21.00
C GLU A 313 -5.40 22.20 22.37
N SER A 314 -5.99 21.43 23.29
CA SER A 314 -5.49 21.35 24.66
C SER A 314 -4.53 20.20 24.89
N PHE A 315 -4.25 19.39 23.87
CA PHE A 315 -3.44 18.19 24.01
C PHE A 315 -2.17 18.32 23.18
N ASN A 316 -1.02 18.10 23.82
CA ASN A 316 0.26 18.30 23.14
C ASN A 316 0.40 17.37 21.95
N TYR A 317 -0.24 16.20 21.99
CA TYR A 317 -0.15 15.27 20.89
C TYR A 317 -1.03 15.66 19.70
N LEU A 318 -1.85 16.71 19.84
CA LEU A 318 -2.74 17.14 18.77
C LEU A 318 -2.66 18.62 18.44
N ASN A 319 -1.90 19.42 19.21
CA ASN A 319 -1.85 20.87 19.04
C ASN A 319 -0.46 21.33 18.62
N GLN A 320 0.23 20.52 17.82
CA GLN A 320 1.62 20.78 17.46
C GLN A 320 1.85 21.03 15.97
N SER A 321 1.03 20.43 15.11
CA SER A 321 1.21 20.58 13.66
C SER A 321 0.44 21.77 13.10
N GLY A 322 -0.51 22.31 13.84
CA GLY A 322 -1.29 23.44 13.38
C GLY A 322 -2.54 23.08 12.61
N CYS A 323 -2.88 21.79 12.53
CA CYS A 323 -4.04 21.34 11.77
C CYS A 323 -4.79 20.30 12.57
N VAL A 324 -6.09 20.53 12.77
CA VAL A 324 -6.97 19.60 13.47
C VAL A 324 -8.13 19.13 12.61
N ASP A 325 -8.26 19.64 11.39
CA ASP A 325 -9.37 19.28 10.52
C ASP A 325 -8.86 18.73 9.20
N ILE A 326 -9.74 17.98 8.53
CA ILE A 326 -9.53 17.52 7.16
C ILE A 326 -10.68 18.06 6.32
N LYS A 327 -10.35 18.71 5.21
CA LYS A 327 -11.38 19.33 4.38
C LYS A 327 -12.44 18.31 3.98
N GLY A 328 -13.69 18.65 4.28
CA GLY A 328 -14.80 17.78 3.93
C GLY A 328 -14.95 16.55 4.79
N VAL A 329 -14.45 16.59 6.02
CA VAL A 329 -14.53 15.46 6.94
C VAL A 329 -15.10 15.95 8.26
N SER A 330 -16.14 15.27 8.75
CA SER A 330 -16.72 15.55 10.06
C SER A 330 -16.23 14.45 11.00
N ASP A 331 -15.25 14.78 11.84
CA ASP A 331 -14.78 13.81 12.82
C ASP A 331 -15.90 13.39 13.77
N SER A 332 -16.80 14.32 14.10
CA SER A 332 -17.95 13.97 14.91
C SER A 332 -18.81 12.91 14.22
N GLU A 333 -18.95 13.02 12.90
CA GLU A 333 -19.78 12.08 12.15
C GLU A 333 -19.04 10.77 11.92
N GLU A 334 -17.76 10.84 11.57
CA GLU A 334 -16.97 9.63 11.41
C GLU A 334 -16.93 8.81 12.69
N PHE A 335 -17.03 9.48 13.85
CA PHE A 335 -17.01 8.76 15.12
C PHE A 335 -18.23 7.85 15.25
N LYS A 336 -19.38 8.28 14.72
CA LYS A 336 -20.56 7.41 14.75
C LYS A 336 -20.33 6.15 13.94
N ILE A 337 -19.59 6.26 12.83
CA ILE A 337 -19.42 5.12 11.93
C ILE A 337 -18.57 4.04 12.60
N THR A 338 -17.48 4.43 13.26
CA THR A 338 -16.61 3.42 13.85
C THR A 338 -17.27 2.78 15.07
N ARG A 339 -18.01 3.56 15.86
CA ARG A 339 -18.79 2.97 16.95
C ARG A 339 -19.81 1.97 16.41
N GLN A 340 -20.47 2.30 15.30
CA GLN A 340 -21.40 1.37 14.68
C GLN A 340 -20.67 0.14 14.15
N ALA A 341 -19.47 0.34 13.58
CA ALA A 341 -18.69 -0.79 13.10
C ALA A 341 -18.27 -1.70 14.25
N MET A 342 -17.93 -1.11 15.40
CA MET A 342 -17.57 -1.90 16.55
C MET A 342 -18.76 -2.68 17.11
N ASP A 343 -19.97 -2.14 16.94
CA ASP A 343 -21.16 -2.88 17.33
C ASP A 343 -21.37 -4.09 16.44
N ILE A 344 -21.30 -3.90 15.12
CA ILE A 344 -21.50 -5.00 14.19
C ILE A 344 -20.51 -6.13 14.48
N VAL A 345 -19.24 -5.77 14.68
CA VAL A 345 -18.22 -6.80 14.88
C VAL A 345 -18.38 -7.47 16.24
N GLY A 346 -18.93 -6.75 17.22
CA GLY A 346 -19.27 -7.36 18.49
C GLY A 346 -18.44 -6.93 19.67
N PHE A 347 -17.93 -5.70 19.67
CA PHE A 347 -17.17 -5.24 20.79
C PHE A 347 -18.25 -4.83 21.78
N SER A 348 -18.05 -5.16 23.05
CA SER A 348 -18.96 -4.86 24.11
C SER A 348 -18.92 -3.43 24.46
N GLN A 349 -19.91 -2.94 25.15
CA GLN A 349 -19.89 -1.55 25.53
C GLN A 349 -18.73 -1.20 26.43
N GLU A 350 -18.39 -2.06 27.36
CA GLU A 350 -17.25 -1.80 28.18
C GLU A 350 -15.91 -1.99 27.45
N GLU A 351 -15.90 -2.77 26.40
CA GLU A 351 -14.70 -2.91 25.62
C GLU A 351 -14.43 -1.58 24.96
N GLN A 352 -15.41 -1.05 24.28
CA GLN A 352 -15.34 0.24 23.61
C GLN A 352 -14.97 1.33 24.60
N MET A 353 -15.61 1.34 25.78
CA MET A 353 -15.28 2.38 26.76
C MET A 353 -13.84 2.22 27.26
N SER A 354 -13.38 0.98 27.43
CA SER A 354 -11.98 0.77 27.80
C SER A 354 -11.06 1.24 26.68
N ILE A 355 -11.46 1.02 25.42
CA ILE A 355 -10.65 1.47 24.30
C ILE A 355 -10.48 2.99 24.34
N PHE A 356 -11.58 3.72 24.60
CA PHE A 356 -11.50 5.17 24.63
C PHE A 356 -10.80 5.68 25.87
N LYS A 357 -10.84 4.92 26.97
CA LYS A 357 -9.99 5.24 28.11
C LYS A 357 -8.52 5.25 27.71
N ILE A 358 -8.10 4.23 26.94
CA ILE A 358 -6.71 4.16 26.51
C ILE A 358 -6.36 5.34 25.61
N ILE A 359 -7.30 5.75 24.75
CA ILE A 359 -7.05 6.89 23.88
C ILE A 359 -7.02 8.18 24.67
N ALA A 360 -8.01 8.37 25.55
CA ALA A 360 -8.00 9.55 26.42
C ALA A 360 -6.77 9.54 27.32
N GLY A 361 -6.38 8.38 27.81
CA GLY A 361 -5.20 8.30 28.66
C GLY A 361 -3.92 8.62 27.92
N ILE A 362 -3.84 8.20 26.65
CA ILE A 362 -2.65 8.49 25.86
C ILE A 362 -2.48 10.00 25.68
N LEU A 363 -3.60 10.70 25.45
CA LEU A 363 -3.51 12.15 25.26
C LEU A 363 -3.10 12.84 26.55
N HIS A 364 -3.60 12.36 27.70
CA HIS A 364 -3.18 12.92 28.97
C HIS A 364 -1.69 12.69 29.21
N LEU A 365 -1.23 11.46 28.97
CA LEU A 365 0.21 11.19 29.08
C LEU A 365 1.03 12.18 28.27
N GLY A 366 0.48 12.67 27.16
CA GLY A 366 1.20 13.60 26.31
C GLY A 366 1.40 14.98 26.92
N ASN A 367 0.54 15.37 27.86
CA ASN A 367 0.64 16.67 28.49
C ASN A 367 1.45 16.65 29.77
N ILE A 368 1.95 15.49 30.19
CA ILE A 368 2.88 15.44 31.31
C ILE A 368 4.14 16.19 30.92
N LYS A 369 4.50 17.20 31.69
CA LYS A 369 5.71 17.98 31.46
C LYS A 369 6.70 17.70 32.59
N PHE A 370 7.86 17.15 32.23
CA PHE A 370 8.95 16.96 33.18
C PHE A 370 9.87 18.17 33.13
N GLU A 371 10.32 18.62 34.29
CA GLU A 371 11.21 19.76 34.39
C GLU A 371 12.40 19.41 35.29
N LYS A 372 13.49 20.13 35.10
CA LYS A 372 14.71 19.87 35.85
C LYS A 372 14.49 20.14 37.33
N GLY A 373 14.85 19.17 38.16
CA GLY A 373 14.76 19.30 39.59
C GLY A 373 16.00 19.96 40.18
N ALA A 374 16.17 19.78 41.48
CA ALA A 374 17.37 20.30 42.14
C ALA A 374 18.63 19.73 41.47
N GLY A 375 18.66 18.41 41.29
CA GLY A 375 19.72 17.77 40.54
C GLY A 375 19.37 17.63 39.07
N GLU A 376 20.33 17.09 38.31
CA GLU A 376 20.12 16.92 36.88
C GLU A 376 18.93 16.02 36.57
N GLY A 377 18.49 15.20 37.53
CA GLY A 377 17.33 14.38 37.32
C GLY A 377 16.06 15.20 37.18
N ALA A 378 15.04 14.57 36.60
CA ALA A 378 13.79 15.24 36.31
C ALA A 378 12.83 15.19 37.48
N VAL A 379 11.84 16.09 37.45
CA VAL A 379 10.78 16.13 38.45
C VAL A 379 9.50 16.56 37.75
N LEU A 380 8.37 16.32 38.41
CA LEU A 380 7.06 16.66 37.87
C LEU A 380 6.36 17.57 38.88
N LYS A 381 6.38 18.88 38.60
CA LYS A 381 5.81 19.85 39.54
C LYS A 381 4.30 19.95 39.43
N ASP A 382 3.75 19.66 38.25
CA ASP A 382 2.30 19.61 38.07
C ASP A 382 1.91 18.19 37.68
N LYS A 383 0.96 17.61 38.42
CA LYS A 383 0.55 16.23 38.24
C LYS A 383 -0.91 16.10 37.86
N THR A 384 -1.46 17.14 37.21
CA THR A 384 -2.83 17.06 36.73
C THR A 384 -2.96 16.03 35.61
N ALA A 385 -2.07 16.10 34.63
CA ALA A 385 -2.10 15.13 33.53
C ALA A 385 -1.78 13.73 34.03
N LEU A 386 -0.77 13.61 34.89
CA LEU A 386 -0.41 12.31 35.45
C LEU A 386 -1.61 11.64 36.12
N ASN A 387 -2.31 12.38 36.98
CA ASN A 387 -3.44 11.79 37.69
C ASN A 387 -4.58 11.48 36.73
N ALA A 388 -4.89 12.39 35.81
CA ALA A 388 -5.94 12.14 34.83
C ALA A 388 -5.66 10.87 34.04
N ALA A 389 -4.42 10.71 33.58
CA ALA A 389 -4.05 9.49 32.87
C ALA A 389 -4.19 8.27 33.77
N SER A 390 -3.59 8.33 34.97
CA SER A 390 -3.71 7.21 35.90
C SER A 390 -5.16 6.87 36.18
N THR A 391 -6.01 7.89 36.30
CA THR A 391 -7.43 7.66 36.57
C THR A 391 -8.06 6.79 35.48
N VAL A 392 -7.95 7.22 34.23
CA VAL A 392 -8.64 6.52 33.15
C VAL A 392 -8.01 5.14 32.92
N PHE A 393 -6.68 5.05 33.01
CA PHE A 393 -6.03 3.76 32.84
C PHE A 393 -6.35 2.83 34.01
N GLY A 394 -6.39 3.37 35.22
CA GLY A 394 -6.60 2.56 36.40
C GLY A 394 -5.30 2.05 36.98
N VAL A 395 -4.32 2.93 37.12
CA VAL A 395 -3.02 2.58 37.67
C VAL A 395 -2.69 3.57 38.78
N ASN A 396 -1.75 3.18 39.64
CA ASN A 396 -1.35 4.02 40.76
C ASN A 396 -0.50 5.17 40.24
N PRO A 397 -0.93 6.44 40.42
CA PRO A 397 -0.17 7.54 39.81
C PRO A 397 1.28 7.64 40.29
N SER A 398 1.52 7.55 41.61
CA SER A 398 2.88 7.72 42.10
C SER A 398 3.76 6.54 41.69
N VAL A 399 3.17 5.38 41.46
CA VAL A 399 3.93 4.27 40.88
C VAL A 399 4.33 4.61 39.44
N LEU A 400 3.35 5.03 38.63
CA LEU A 400 3.66 5.50 37.29
C LEU A 400 4.69 6.62 37.32
N GLU A 401 4.57 7.53 38.29
CA GLU A 401 5.51 8.65 38.38
C GLU A 401 6.94 8.14 38.56
N LYS A 402 7.13 7.23 39.51
CA LYS A 402 8.48 6.69 39.73
C LYS A 402 8.95 5.87 38.53
N ALA A 403 8.03 5.14 37.89
CA ALA A 403 8.39 4.35 36.72
C ALA A 403 8.78 5.21 35.54
N LEU A 404 8.32 6.47 35.49
CA LEU A 404 8.70 7.36 34.39
C LEU A 404 10.07 7.98 34.63
N MET A 405 10.24 8.59 35.79
CA MET A 405 11.46 9.32 36.10
C MET A 405 12.53 8.56 36.83
N GLU A 406 12.16 7.47 37.47
CA GLU A 406 13.14 6.73 38.21
C GLU A 406 13.17 5.22 38.01
N PRO A 407 13.15 4.79 36.75
CA PRO A 407 13.04 3.34 36.55
C PRO A 407 14.15 2.50 37.16
N ARG A 408 13.82 1.33 37.66
CA ARG A 408 14.82 0.45 38.17
C ARG A 408 15.31 -0.52 37.07
N ILE A 409 16.61 -0.64 36.92
CA ILE A 409 17.27 -1.56 36.02
C ILE A 409 18.23 -2.42 36.85
N LEU A 410 18.87 -3.36 36.17
CA LEU A 410 19.91 -4.18 36.79
C LEU A 410 21.28 -3.68 36.34
N ALA A 411 22.23 -3.64 37.28
CA ALA A 411 23.64 -3.37 37.00
C ALA A 411 24.38 -4.63 37.43
N GLY A 412 24.64 -5.53 36.48
CA GLY A 412 25.02 -6.88 36.85
C GLY A 412 23.80 -7.58 37.41
N ARG A 413 23.79 -7.77 38.73
CA ARG A 413 22.62 -8.30 39.43
C ARG A 413 22.03 -7.33 40.43
N ASP A 414 22.74 -6.26 40.78
CA ASP A 414 22.22 -5.27 41.71
C ASP A 414 21.00 -4.56 41.10
N LEU A 415 20.06 -4.20 41.97
CA LEU A 415 18.88 -3.45 41.56
C LEU A 415 19.16 -1.97 41.79
N VAL A 416 19.28 -1.23 40.68
CA VAL A 416 19.64 0.19 40.73
C VAL A 416 18.48 1.01 40.19
N ALA A 417 18.20 2.13 40.85
CA ALA A 417 17.15 3.04 40.45
C ALA A 417 17.76 4.22 39.71
N GLN A 418 17.24 4.50 38.51
CA GLN A 418 17.72 5.62 37.73
C GLN A 418 17.07 6.92 38.21
N HIS A 419 17.59 8.04 37.73
CA HIS A 419 16.94 9.35 37.86
C HIS A 419 17.13 10.04 36.51
N LEU A 420 16.17 9.85 35.61
CA LEU A 420 16.31 10.31 34.23
C LEU A 420 16.04 11.80 34.13
N ASN A 421 16.83 12.47 33.30
CA ASN A 421 16.66 13.90 33.08
C ASN A 421 15.36 14.16 32.34
N VAL A 422 15.09 15.45 32.10
CA VAL A 422 13.86 15.84 31.39
C VAL A 422 13.76 15.13 30.05
N GLU A 423 14.86 15.13 29.29
CA GLU A 423 14.84 14.54 27.95
C GLU A 423 14.47 13.06 28.01
N LYS A 424 15.14 12.31 28.88
CA LYS A 424 14.93 10.86 28.92
C LYS A 424 13.60 10.51 29.57
N SER A 425 13.11 11.34 30.48
CA SER A 425 11.79 11.09 31.06
C SER A 425 10.70 11.26 30.01
N SER A 426 10.84 12.26 29.14
CA SER A 426 9.86 12.47 28.08
C SER A 426 9.93 11.35 27.05
N SER A 427 11.13 10.85 26.76
CA SER A 427 11.28 9.75 25.82
C SER A 427 10.63 8.48 26.36
N SER A 428 10.84 8.18 27.64
CA SER A 428 10.23 6.99 28.22
C SER A 428 8.71 7.13 28.24
N ARG A 429 8.21 8.34 28.52
CA ARG A 429 6.77 8.58 28.44
C ARG A 429 6.26 8.29 27.04
N ASP A 430 7.01 8.71 26.02
CA ASP A 430 6.61 8.42 24.64
C ASP A 430 6.67 6.92 24.37
N ALA A 431 7.68 6.23 24.90
CA ALA A 431 7.75 4.79 24.75
C ALA A 431 6.51 4.11 25.31
N LEU A 432 6.05 4.54 26.49
CA LEU A 432 4.82 3.99 27.06
C LEU A 432 3.64 4.25 26.14
N VAL A 433 3.54 5.48 25.61
CA VAL A 433 2.43 5.81 24.73
C VAL A 433 2.42 4.91 23.50
N LYS A 434 3.57 4.82 22.83
CA LYS A 434 3.64 4.03 21.60
C LYS A 434 3.39 2.55 21.89
N ALA A 435 3.92 2.05 23.01
CA ALA A 435 3.63 0.67 23.41
C ALA A 435 2.13 0.47 23.61
N LEU A 436 1.50 1.38 24.35
CA LEU A 436 0.06 1.29 24.59
C LEU A 436 -0.71 1.25 23.27
N TYR A 437 -0.44 2.22 22.39
CA TYR A 437 -1.21 2.31 21.14
C TYR A 437 -0.92 1.12 20.24
N GLY A 438 0.36 0.75 20.09
CA GLY A 438 0.69 -0.37 19.23
C GLY A 438 0.06 -1.67 19.67
N ARG A 439 -0.06 -1.87 20.99
CA ARG A 439 -0.66 -3.09 21.50
C ARG A 439 -2.18 -3.06 21.38
N LEU A 440 -2.79 -1.89 21.57
CA LEU A 440 -4.23 -1.76 21.33
C LEU A 440 -4.56 -2.12 19.89
N PHE A 441 -3.71 -1.71 18.95
CA PHE A 441 -3.98 -1.98 17.54
C PHE A 441 -3.94 -3.48 17.26
N LEU A 442 -2.91 -4.17 17.74
CA LEU A 442 -2.86 -5.62 17.57
C LEU A 442 -4.07 -6.27 18.25
N TRP A 443 -4.49 -5.74 19.39
CA TRP A 443 -5.68 -6.27 20.07
C TRP A 443 -6.91 -6.13 19.18
N LEU A 444 -7.12 -4.93 18.61
CA LEU A 444 -8.25 -4.72 17.73
C LEU A 444 -8.24 -5.72 16.58
N VAL A 445 -7.12 -5.81 15.85
CA VAL A 445 -7.01 -6.76 14.76
C VAL A 445 -7.28 -8.18 15.26
N LYS A 446 -6.84 -8.47 16.48
CA LYS A 446 -6.95 -9.82 17.01
C LYS A 446 -8.39 -10.15 17.37
N LYS A 447 -9.08 -9.23 18.04
CA LYS A 447 -10.50 -9.46 18.33
C LYS A 447 -11.30 -9.60 17.05
N ILE A 448 -10.95 -8.83 16.02
CA ILE A 448 -11.68 -8.89 14.75
C ILE A 448 -11.43 -10.23 14.07
N ASN A 449 -10.17 -10.65 13.99
CA ASN A 449 -9.85 -11.92 13.33
C ASN A 449 -10.56 -13.09 14.01
N ASN A 450 -10.78 -13.00 15.32
CA ASN A 450 -11.47 -14.08 16.03
C ASN A 450 -12.95 -14.12 15.69
N VAL A 451 -13.54 -12.97 15.38
CA VAL A 451 -14.97 -12.94 15.03
C VAL A 451 -15.19 -13.48 13.63
N LEU A 452 -14.17 -13.38 12.80
CA LEU A 452 -14.26 -13.90 11.46
C LEU A 452 -13.61 -15.26 11.27
N CYS A 453 -13.03 -15.83 12.31
CA CYS A 453 -12.39 -17.15 12.28
C CYS A 453 -13.50 -18.12 12.60
N GLN A 454 -14.35 -18.39 11.63
CA GLN A 454 -15.46 -19.26 11.91
C GLN A 454 -15.51 -20.49 11.05
N GLU A 455 -14.60 -20.65 10.09
CA GLU A 455 -14.65 -21.87 9.29
C GLU A 455 -13.26 -22.17 8.76
N ARG A 456 -12.96 -23.46 8.63
CA ARG A 456 -11.67 -23.88 8.10
C ARG A 456 -11.71 -23.76 6.57
N LYS A 457 -10.94 -22.83 6.04
CA LYS A 457 -10.99 -22.45 4.63
C LYS A 457 -10.82 -23.62 3.69
N ALA A 458 -11.32 -23.48 2.46
CA ALA A 458 -10.99 -24.34 1.35
C ALA A 458 -10.08 -23.64 0.35
N TYR A 459 -10.40 -22.40 0.00
CA TYR A 459 -9.52 -21.53 -0.77
C TYR A 459 -9.62 -20.13 -0.19
N PHE A 460 -8.80 -19.21 -0.70
CA PHE A 460 -8.87 -17.82 -0.29
C PHE A 460 -8.40 -16.92 -1.43
N ILE A 461 -8.86 -15.68 -1.39
CA ILE A 461 -8.41 -14.62 -2.29
C ILE A 461 -7.82 -13.53 -1.41
N GLY A 462 -6.48 -13.36 -1.49
CA GLY A 462 -5.79 -12.42 -0.64
C GLY A 462 -5.70 -11.04 -1.28
N VAL A 463 -6.02 -10.02 -0.50
CA VAL A 463 -5.98 -8.64 -0.95
C VAL A 463 -4.91 -7.92 -0.12
N LEU A 464 -3.88 -7.41 -0.80
CA LEU A 464 -2.79 -6.72 -0.12
C LEU A 464 -2.98 -5.21 -0.26
N ASP A 465 -2.96 -4.51 0.87
CA ASP A 465 -3.14 -3.06 0.92
C ASP A 465 -2.04 -2.52 1.84
N ILE A 466 -0.94 -2.09 1.24
CA ILE A 466 0.21 -1.62 1.99
C ILE A 466 0.26 -0.11 1.97
N SER A 467 0.93 0.51 2.91
CA SER A 467 1.40 1.88 2.79
C SER A 467 2.35 1.94 1.59
N GLY A 468 2.35 3.04 0.89
CA GLY A 468 3.04 3.13 -0.37
C GLY A 468 4.27 3.95 -0.32
N PHE A 469 4.82 4.11 -1.50
CA PHE A 469 6.04 4.82 -1.62
C PHE A 469 5.81 6.24 -1.20
N GLU A 470 6.60 6.79 -0.30
CA GLU A 470 6.37 8.13 0.11
C GLU A 470 7.67 8.83 0.40
N ILE A 471 7.77 10.09 0.06
CA ILE A 471 8.95 10.88 0.31
C ILE A 471 8.53 12.16 1.02
N PHE A 472 9.31 12.55 2.03
CA PHE A 472 9.07 13.78 2.77
C PHE A 472 10.38 14.53 2.91
N LYS A 473 10.29 15.79 3.36
CA LYS A 473 11.50 16.56 3.63
C LYS A 473 12.42 15.82 4.59
N VAL A 474 11.83 15.11 5.56
CA VAL A 474 12.56 14.31 6.52
C VAL A 474 12.03 12.89 6.45
N ASN A 475 12.89 11.95 6.06
CA ASN A 475 12.54 10.54 5.96
C ASN A 475 13.31 9.77 7.01
N SER A 476 12.64 8.87 7.72
CA SER A 476 13.21 8.17 8.86
C SER A 476 13.09 6.66 8.65
N PHE A 477 13.39 5.91 9.71
CA PHE A 477 13.36 4.45 9.65
C PHE A 477 12.01 3.94 9.17
N GLU A 478 10.93 4.63 9.51
CA GLU A 478 9.60 4.20 9.06
C GLU A 478 9.50 4.27 7.54
N GLN A 479 10.03 5.32 6.93
CA GLN A 479 9.92 5.48 5.49
C GLN A 479 10.78 4.48 4.74
N LEU A 480 11.93 4.09 5.30
CA LEU A 480 12.74 3.06 4.68
C LEU A 480 12.01 1.72 4.66
N CYS A 481 11.36 1.37 5.77
CA CYS A 481 10.61 0.12 5.82
C CYS A 481 9.43 0.14 4.85
N ILE A 482 8.77 1.29 4.73
CA ILE A 482 7.66 1.42 3.79
C ILE A 482 8.17 1.29 2.34
N ASN A 483 9.21 2.05 2.01
CA ASN A 483 9.69 2.06 0.63
C ASN A 483 10.38 0.75 0.27
N TYR A 484 11.03 0.10 1.25
CA TYR A 484 11.61 -1.21 0.99
C TYR A 484 10.53 -2.25 0.69
N THR A 485 9.39 -2.15 1.38
CA THR A 485 8.28 -3.03 1.08
C THR A 485 7.74 -2.79 -0.32
N ASN A 486 7.57 -1.53 -0.70
CA ASN A 486 7.11 -1.21 -2.05
C ASN A 486 8.13 -1.64 -3.09
N GLU A 487 9.43 -1.64 -2.74
CA GLU A 487 10.45 -2.11 -3.67
C GLU A 487 10.31 -3.61 -3.92
N LYS A 488 9.95 -4.37 -2.89
CA LYS A 488 9.79 -5.81 -3.05
C LYS A 488 8.55 -6.15 -3.86
N LEU A 489 7.47 -5.39 -3.66
CA LEU A 489 6.26 -5.65 -4.43
C LEU A 489 6.47 -5.37 -5.90
N GLN A 490 7.19 -4.28 -6.23
CA GLN A 490 7.53 -4.02 -7.62
C GLN A 490 8.40 -5.13 -8.20
N GLN A 491 9.32 -5.68 -7.39
CA GLN A 491 10.13 -6.79 -7.86
C GLN A 491 9.29 -8.04 -8.08
N PHE A 492 8.24 -8.22 -7.31
CA PHE A 492 7.37 -9.36 -7.48
C PHE A 492 6.63 -9.21 -8.78
N PHE A 493 6.21 -8.01 -9.12
CA PHE A 493 5.62 -7.76 -10.43
C PHE A 493 6.62 -8.07 -11.53
N ASN A 494 7.85 -7.55 -11.40
CA ASN A 494 8.89 -7.88 -12.38
C ASN A 494 9.09 -9.39 -12.47
N HIS A 495 9.11 -10.07 -11.32
CA HIS A 495 9.41 -11.49 -11.30
C HIS A 495 8.37 -12.29 -12.08
N HIS A 496 7.09 -12.05 -11.80
CA HIS A 496 6.04 -12.87 -12.39
C HIS A 496 5.75 -12.48 -13.84
N MET A 497 6.04 -11.25 -14.23
CA MET A 497 5.70 -10.79 -15.57
C MET A 497 6.77 -11.12 -16.59
N PHE A 498 8.04 -11.00 -16.22
CA PHE A 498 9.12 -11.13 -17.19
C PHE A 498 10.04 -12.32 -16.95
N LYS A 499 10.47 -12.58 -15.71
CA LYS A 499 11.41 -13.68 -15.52
C LYS A 499 10.71 -15.03 -15.54
N LEU A 500 9.76 -15.24 -14.62
CA LEU A 500 9.02 -16.49 -14.63
C LEU A 500 8.34 -16.73 -15.98
N GLU A 501 7.91 -15.66 -16.65
CA GLU A 501 7.24 -15.80 -17.93
C GLU A 501 8.18 -16.41 -18.97
N GLN A 502 9.34 -15.78 -19.18
CA GLN A 502 10.27 -16.27 -20.19
C GLN A 502 10.91 -17.59 -19.75
N GLU A 503 11.07 -17.80 -18.46
CA GLU A 503 11.65 -19.05 -18.01
C GLU A 503 10.76 -20.18 -18.43
N GLU A 504 9.47 -19.95 -18.44
CA GLU A 504 8.57 -20.98 -18.87
C GLU A 504 8.78 -21.23 -20.33
N TYR A 505 8.90 -20.17 -21.11
CA TYR A 505 9.05 -20.32 -22.52
C TYR A 505 10.32 -21.06 -22.84
N LEU A 506 11.39 -20.70 -22.17
CA LEU A 506 12.66 -21.33 -22.36
C LEU A 506 12.63 -22.79 -21.96
N LYS A 507 11.98 -23.08 -20.84
CA LYS A 507 11.93 -24.45 -20.37
C LYS A 507 11.19 -25.34 -21.31
N GLU A 508 10.10 -24.85 -21.86
CA GLU A 508 9.28 -25.65 -22.76
C GLU A 508 9.72 -25.64 -24.20
N LYS A 509 10.79 -24.94 -24.50
CA LYS A 509 11.39 -24.97 -25.80
C LYS A 509 10.49 -24.68 -26.95
N ILE A 510 10.00 -23.46 -26.95
CA ILE A 510 9.18 -22.95 -28.04
C ILE A 510 9.94 -21.91 -28.87
N ASN A 511 11.27 -21.98 -28.87
CA ASN A 511 12.16 -21.11 -29.64
C ASN A 511 11.88 -19.64 -29.34
N TRP A 512 12.06 -19.30 -28.08
CA TRP A 512 11.89 -17.96 -27.61
C TRP A 512 13.26 -17.35 -27.35
N THR A 513 13.51 -16.17 -27.88
CA THR A 513 14.75 -15.46 -27.62
C THR A 513 14.55 -14.54 -26.42
N PHE A 514 15.28 -14.82 -25.35
CA PHE A 514 15.12 -14.07 -24.11
C PHE A 514 15.23 -12.57 -24.36
N ILE A 515 14.41 -11.80 -23.64
CA ILE A 515 14.43 -10.35 -23.70
C ILE A 515 14.72 -9.81 -22.32
N ASP A 516 15.56 -8.77 -22.25
CA ASP A 516 15.82 -8.06 -21.01
C ASP A 516 14.98 -6.78 -21.01
N PHE A 517 14.03 -6.69 -20.09
CA PHE A 517 13.17 -5.53 -19.96
C PHE A 517 13.75 -4.47 -19.02
N GLY A 518 14.94 -4.69 -18.49
CA GLY A 518 15.62 -3.67 -17.72
C GLY A 518 14.98 -3.32 -16.41
N LEU A 519 14.15 -4.20 -15.85
CA LEU A 519 13.46 -3.96 -14.60
C LEU A 519 13.97 -4.97 -13.57
N ASP A 520 14.86 -4.52 -12.69
CA ASP A 520 15.41 -5.39 -11.66
C ASP A 520 15.75 -4.54 -10.44
N SER A 521 14.94 -4.66 -9.39
CA SER A 521 15.17 -3.96 -8.14
C SER A 521 16.04 -4.75 -7.17
N GLN A 522 16.68 -5.83 -7.63
CA GLN A 522 17.39 -6.71 -6.72
C GLN A 522 18.56 -5.99 -6.06
N ALA A 523 19.28 -5.15 -6.81
CA ALA A 523 20.43 -4.45 -6.24
C ALA A 523 20.02 -3.56 -5.09
N THR A 524 18.88 -2.86 -5.22
CA THR A 524 18.40 -2.02 -4.14
C THR A 524 17.88 -2.85 -2.97
N ILE A 525 17.28 -4.01 -3.27
CA ILE A 525 16.76 -4.86 -2.20
C ILE A 525 17.90 -5.47 -1.40
N ASP A 526 18.94 -5.95 -2.09
CA ASP A 526 20.09 -6.51 -1.39
C ASP A 526 20.75 -5.46 -0.51
N LEU A 527 20.87 -4.23 -1.01
CA LEU A 527 21.49 -3.16 -0.23
C LEU A 527 20.80 -2.98 1.12
N ILE A 528 19.50 -3.23 1.17
CA ILE A 528 18.73 -2.97 2.39
C ILE A 528 18.69 -4.19 3.29
N ASP A 529 18.24 -5.30 2.75
CA ASP A 529 18.07 -6.45 3.57
C ASP A 529 19.06 -7.55 3.46
N GLY A 530 20.15 -7.35 2.71
CA GLY A 530 21.14 -8.38 2.54
C GLY A 530 21.82 -8.84 3.83
N ARG A 531 22.18 -10.11 3.92
CA ARG A 531 22.85 -10.63 5.10
C ARG A 531 24.33 -10.78 4.77
N GLN A 532 24.67 -11.59 3.77
CA GLN A 532 26.05 -11.74 3.36
C GLN A 532 26.30 -11.40 1.91
N PRO A 533 26.93 -10.23 1.60
CA PRO A 533 27.39 -9.17 2.52
C PRO A 533 26.23 -8.50 3.26
N PRO A 534 26.51 -7.93 4.42
CA PRO A 534 25.42 -7.34 5.23
C PRO A 534 24.90 -6.05 4.63
N GLY A 535 23.58 -5.90 4.69
CA GLY A 535 22.91 -4.71 4.19
C GLY A 535 22.70 -3.66 5.27
N ILE A 536 21.84 -2.71 4.97
CA ILE A 536 21.58 -1.62 5.90
C ILE A 536 20.93 -2.15 7.17
N LEU A 537 19.92 -3.02 7.02
CA LEU A 537 19.22 -3.54 8.19
C LEU A 537 20.13 -4.45 9.01
N ALA A 538 21.01 -5.20 8.35
CA ALA A 538 21.95 -6.06 9.07
C ALA A 538 22.91 -5.21 9.89
N LEU A 539 23.47 -4.16 9.28
CA LEU A 539 24.38 -3.29 10.02
C LEU A 539 23.65 -2.53 11.13
N LEU A 540 22.39 -2.14 10.90
CA LEU A 540 21.62 -1.49 11.95
C LEU A 540 21.40 -2.42 13.13
N ASP A 541 21.03 -3.68 12.86
CA ASP A 541 20.89 -4.66 13.94
C ASP A 541 22.21 -4.85 14.66
N GLU A 542 23.32 -4.91 13.91
CA GLU A 542 24.64 -5.07 14.51
C GLU A 542 24.93 -3.93 15.48
N GLN A 543 24.60 -2.70 15.10
CA GLN A 543 24.84 -1.57 15.98
C GLN A 543 23.82 -1.48 17.11
N SER A 544 22.60 -1.97 16.87
CA SER A 544 21.57 -1.90 17.90
C SER A 544 21.98 -2.61 19.17
N VAL A 545 22.79 -3.68 19.05
CA VAL A 545 23.23 -4.43 20.21
C VAL A 545 24.62 -4.05 20.69
N PHE A 546 25.43 -3.41 19.85
CA PHE A 546 26.74 -2.94 20.27
C PHE A 546 26.57 -1.91 21.37
N PRO A 547 27.14 -2.11 22.56
CA PRO A 547 26.71 -1.31 23.72
C PRO A 547 27.10 0.15 23.66
N ASN A 548 28.16 0.51 22.92
CA ASN A 548 28.61 1.89 22.83
C ASN A 548 28.26 2.53 21.49
N ALA A 549 27.27 1.99 20.79
CA ALA A 549 26.91 2.48 19.48
C ALA A 549 26.06 3.74 19.59
N THR A 550 26.22 4.63 18.62
CA THR A 550 25.46 5.87 18.52
C THR A 550 24.75 5.91 17.17
N ASP A 551 23.96 6.96 16.96
CA ASP A 551 23.38 7.17 15.64
C ASP A 551 24.44 7.54 14.62
N ASN A 552 25.51 8.19 15.07
CA ASN A 552 26.58 8.58 14.15
C ASN A 552 27.53 7.42 13.87
N THR A 553 27.86 6.61 14.88
CA THR A 553 28.63 5.41 14.63
C THR A 553 27.90 4.46 13.69
N LEU A 554 26.57 4.56 13.63
CA LEU A 554 25.79 3.73 12.72
C LEU A 554 25.96 4.20 11.28
N ILE A 555 25.66 5.48 11.02
CA ILE A 555 25.74 5.97 9.65
C ILE A 555 27.19 6.01 9.18
N THR A 556 28.14 6.28 10.09
CA THR A 556 29.54 6.16 9.74
C THR A 556 29.85 4.76 9.25
N LYS A 557 29.19 3.79 9.82
CA LYS A 557 29.34 2.41 9.44
C LYS A 557 28.69 2.16 8.09
N LEU A 558 27.56 2.77 7.87
CA LEU A 558 26.86 2.62 6.60
C LEU A 558 27.64 3.24 5.45
N HIS A 559 28.27 4.39 5.70
CA HIS A 559 29.07 5.03 4.65
C HIS A 559 30.26 4.17 4.28
N SER A 560 31.02 3.70 5.28
CA SER A 560 32.20 2.90 5.00
C SER A 560 31.85 1.63 4.25
N HIS A 561 30.64 1.10 4.44
CA HIS A 561 30.25 -0.14 3.80
C HIS A 561 29.72 0.04 2.40
N PHE A 562 29.07 1.18 2.11
CA PHE A 562 28.37 1.36 0.85
C PHE A 562 28.75 2.60 0.06
N SER A 563 29.30 3.63 0.70
CA SER A 563 29.71 4.82 -0.04
C SER A 563 30.82 4.46 -1.02
N LYS A 564 30.64 4.85 -2.27
CA LYS A 564 31.57 4.57 -3.37
C LYS A 564 31.67 3.10 -3.69
N LYS A 565 30.85 2.26 -3.06
CA LYS A 565 30.89 0.81 -3.26
C LYS A 565 29.63 0.27 -3.92
N ASN A 566 28.46 0.56 -3.37
CA ASN A 566 27.19 0.10 -3.92
C ASN A 566 26.58 1.24 -4.73
N ALA A 567 26.27 0.94 -6.00
CA ALA A 567 25.78 1.97 -6.92
C ALA A 567 24.40 2.48 -6.58
N LYS A 568 23.68 1.83 -5.65
CA LYS A 568 22.37 2.29 -5.22
C LYS A 568 22.42 3.12 -3.94
N TYR A 569 23.62 3.42 -3.45
CA TYR A 569 23.82 4.10 -2.18
C TYR A 569 24.70 5.31 -2.39
N GLU A 570 24.31 6.43 -1.78
CA GLU A 570 25.05 7.68 -1.90
C GLU A 570 25.29 8.26 -0.51
N GLU A 571 26.55 8.60 -0.22
CA GLU A 571 26.88 9.39 0.94
C GLU A 571 26.83 10.86 0.55
N PRO A 572 25.85 11.63 1.02
CA PRO A 572 25.74 13.02 0.55
C PRO A 572 26.90 13.88 1.04
N ARG A 573 27.29 14.81 0.18
CA ARG A 573 28.30 15.80 0.54
C ARG A 573 27.72 16.98 1.31
N PHE A 574 26.39 17.11 1.34
CA PHE A 574 25.73 18.26 1.93
C PHE A 574 25.23 18.02 3.34
N SER A 575 25.37 16.80 3.85
CA SER A 575 24.87 16.45 5.18
C SER A 575 25.68 15.30 5.72
N LYS A 576 25.74 15.20 7.05
CA LYS A 576 26.46 14.14 7.72
C LYS A 576 25.56 13.13 8.42
N THR A 577 24.25 13.41 8.51
CA THR A 577 23.31 12.52 9.17
C THR A 577 22.31 11.91 8.21
N GLU A 578 22.51 12.10 6.90
CA GLU A 578 21.59 11.58 5.90
C GLU A 578 22.33 10.69 4.91
N PHE A 579 21.64 9.68 4.39
CA PHE A 579 22.15 8.82 3.34
C PHE A 579 21.03 8.56 2.35
N GLY A 580 21.40 8.32 1.09
CA GLY A 580 20.45 8.18 0.01
C GLY A 580 20.39 6.74 -0.51
N VAL A 581 19.18 6.29 -0.80
CA VAL A 581 18.94 4.99 -1.42
C VAL A 581 18.16 5.22 -2.71
N THR A 582 18.60 4.59 -3.78
CA THR A 582 17.97 4.76 -5.09
C THR A 582 16.92 3.68 -5.26
N HIS A 583 15.66 4.04 -5.09
CA HIS A 583 14.55 3.12 -5.25
C HIS A 583 14.04 3.15 -6.69
N TYR A 584 13.20 2.16 -7.02
CA TYR A 584 12.57 2.15 -8.34
C TYR A 584 11.79 3.44 -8.58
N ALA A 585 11.19 4.00 -7.55
CA ALA A 585 10.39 5.22 -7.67
C ALA A 585 11.20 6.49 -7.44
N GLY A 586 12.50 6.37 -7.17
CA GLY A 586 13.34 7.54 -7.00
C GLY A 586 14.25 7.49 -5.79
N GLN A 587 15.27 8.35 -5.76
CA GLN A 587 16.18 8.40 -4.64
C GLN A 587 15.50 9.01 -3.42
N VAL A 588 15.76 8.43 -2.25
CA VAL A 588 15.19 8.90 -1.00
C VAL A 588 16.35 9.12 -0.01
N MET A 589 16.42 10.31 0.55
CA MET A 589 17.41 10.63 1.58
C MET A 589 16.80 10.38 2.95
N TYR A 590 17.49 9.58 3.76
CA TYR A 590 16.99 9.17 5.07
C TYR A 590 17.83 9.79 6.16
N GLU A 591 17.16 10.35 7.17
CA GLU A 591 17.83 10.89 8.36
C GLU A 591 18.02 9.77 9.36
N ILE A 592 19.25 9.64 9.88
CA ILE A 592 19.58 8.51 10.75
C ILE A 592 19.19 8.73 12.20
N GLN A 593 18.78 9.94 12.57
CA GLN A 593 18.44 10.23 13.95
C GLN A 593 17.44 9.23 14.51
N ASP A 594 17.74 8.72 15.70
CA ASP A 594 16.86 7.88 16.51
C ASP A 594 16.67 6.47 15.95
N TRP A 595 17.50 6.04 15.01
CA TRP A 595 17.30 4.73 14.40
C TRP A 595 17.59 3.61 15.39
N LEU A 596 18.63 3.77 16.21
CA LEU A 596 18.97 2.72 17.17
C LEU A 596 17.82 2.48 18.15
N GLU A 597 17.29 3.55 18.74
CA GLU A 597 16.21 3.38 19.70
C GLU A 597 14.93 2.93 19.01
N LYS A 598 14.74 3.28 17.74
CA LYS A 598 13.57 2.83 17.01
C LYS A 598 13.68 1.34 16.66
N ASN A 599 14.88 0.86 16.37
CA ASN A 599 15.06 -0.56 16.09
C ASN A 599 14.94 -1.39 17.36
N LYS A 600 15.47 -0.90 18.47
CA LYS A 600 15.38 -1.64 19.72
C LYS A 600 13.97 -1.59 20.30
N ASP A 601 13.29 -0.45 20.15
CA ASP A 601 11.94 -0.29 20.68
C ASP A 601 11.94 -0.55 22.18
N PRO A 602 12.70 0.21 22.96
CA PRO A 602 12.79 -0.06 24.40
C PRO A 602 11.59 0.45 25.18
N LEU A 603 11.33 -0.22 26.29
CA LEU A 603 10.31 0.22 27.25
C LEU A 603 10.76 -0.21 28.63
N GLN A 604 10.87 0.75 29.55
CA GLN A 604 11.25 0.43 30.93
C GLN A 604 10.29 -0.61 31.49
N GLN A 605 10.81 -1.71 32.02
CA GLN A 605 9.95 -2.73 32.56
C GLN A 605 9.21 -2.28 33.79
N ASP A 606 9.76 -1.34 34.50
CA ASP A 606 8.99 -0.77 35.60
C ASP A 606 7.66 -0.19 35.11
N LEU A 607 7.64 0.34 33.89
CA LEU A 607 6.40 0.84 33.32
C LEU A 607 5.44 -0.30 32.99
N GLU A 608 5.97 -1.41 32.48
CA GLU A 608 5.14 -2.57 32.20
C GLU A 608 4.53 -3.12 33.47
N LEU A 609 5.33 -3.21 34.54
CA LEU A 609 4.81 -3.72 35.82
C LEU A 609 3.66 -2.85 36.31
N CYS A 610 3.75 -1.54 36.13
CA CYS A 610 2.73 -0.64 36.66
C CYS A 610 1.39 -0.84 35.95
N PHE A 611 1.42 -1.11 34.65
CA PHE A 611 0.19 -1.31 33.89
C PHE A 611 -0.32 -2.75 33.96
N LYS A 612 0.52 -3.70 34.36
CA LYS A 612 0.04 -5.04 34.63
C LYS A 612 -0.89 -5.07 35.85
N ASP A 613 -0.78 -4.09 36.74
CA ASP A 613 -1.65 -3.96 37.89
C ASP A 613 -2.83 -3.02 37.65
N SER A 614 -3.26 -2.89 36.40
CA SER A 614 -4.27 -1.90 36.04
C SER A 614 -5.68 -2.42 36.32
N SER A 615 -6.55 -1.49 36.72
CA SER A 615 -7.94 -1.85 37.00
C SER A 615 -8.65 -2.34 35.74
N ASP A 616 -8.30 -1.76 34.59
CA ASP A 616 -9.06 -2.02 33.37
C ASP A 616 -8.75 -3.41 32.82
N ASN A 617 -9.80 -4.13 32.42
CA ASN A 617 -9.62 -5.47 31.87
C ASN A 617 -8.83 -5.43 30.57
N VAL A 618 -9.13 -4.46 29.70
CA VAL A 618 -8.43 -4.38 28.41
C VAL A 618 -6.96 -4.07 28.63
N VAL A 619 -6.66 -3.03 29.42
CA VAL A 619 -5.27 -2.63 29.64
C VAL A 619 -4.45 -3.80 30.15
N THR A 620 -5.00 -4.58 31.08
CA THR A 620 -4.24 -5.68 31.66
C THR A 620 -3.91 -6.74 30.61
N LYS A 621 -4.83 -7.01 29.69
CA LYS A 621 -4.54 -7.96 28.63
C LYS A 621 -3.49 -7.43 27.67
N LEU A 622 -3.39 -6.11 27.54
CA LEU A 622 -2.35 -5.53 26.69
C LEU A 622 -0.96 -5.73 27.26
N PHE A 623 -0.82 -5.95 28.57
CA PHE A 623 0.47 -6.09 29.21
C PHE A 623 0.71 -7.46 29.83
N ASN A 624 -0.32 -8.31 29.93
CA ASN A 624 -0.16 -9.66 30.47
C ASN A 624 -0.39 -10.76 29.45
N ASP A 625 -1.18 -10.52 28.41
CA ASP A 625 -1.37 -11.50 27.35
C ASP A 625 -0.03 -11.73 26.65
N PRO A 626 0.52 -12.94 26.67
CA PRO A 626 1.86 -13.13 26.08
C PRO A 626 1.90 -12.84 24.59
N ASN A 627 0.85 -13.17 23.84
CA ASN A 627 0.87 -12.93 22.40
C ASN A 627 0.81 -11.44 22.09
N ILE A 628 0.19 -10.65 22.95
CA ILE A 628 0.15 -9.20 22.75
C ILE A 628 1.41 -8.53 23.32
N ALA A 629 1.81 -8.93 24.53
CA ALA A 629 2.77 -8.15 25.29
C ALA A 629 4.19 -8.71 25.28
N SER A 630 4.38 -9.97 24.92
CA SER A 630 5.73 -10.53 24.92
C SER A 630 6.50 -10.05 23.69
N ARG A 631 7.82 -10.25 23.73
CA ARG A 631 8.64 -10.09 22.54
C ARG A 631 9.59 -11.27 22.43
N ALA A 632 9.70 -11.84 21.24
CA ALA A 632 10.64 -12.93 20.99
C ALA A 632 12.06 -12.47 21.29
N LYS A 633 12.87 -13.37 21.83
CA LYS A 633 14.23 -13.06 22.21
C LYS A 633 15.21 -13.71 21.22
N LYS A 634 16.26 -12.97 20.89
CA LYS A 634 17.34 -13.45 20.02
C LYS A 634 18.58 -13.57 20.90
N GLY A 635 18.75 -14.74 21.50
CA GLY A 635 19.82 -14.94 22.45
C GLY A 635 19.58 -14.16 23.73
N ALA A 636 20.46 -13.22 24.02
CA ALA A 636 20.34 -12.39 25.22
C ALA A 636 19.70 -11.04 24.93
N ASN A 637 19.23 -10.81 23.69
CA ASN A 637 18.62 -9.55 23.31
C ASN A 637 17.23 -9.80 22.73
N PHE A 638 16.37 -8.79 22.83
CA PHE A 638 15.07 -8.85 22.18
C PHE A 638 15.23 -8.74 20.68
N ILE A 639 14.36 -9.44 19.94
CA ILE A 639 14.39 -9.33 18.49
C ILE A 639 14.07 -7.89 18.09
N THR A 640 14.79 -7.40 17.09
CA THR A 640 14.66 -6.01 16.68
C THR A 640 13.45 -5.81 15.77
N VAL A 641 13.08 -4.54 15.58
CA VAL A 641 11.98 -4.21 14.68
C VAL A 641 12.33 -4.64 13.25
N ALA A 642 13.57 -4.38 12.83
CA ALA A 642 13.98 -4.75 11.48
C ALA A 642 13.92 -6.26 11.29
N ALA A 643 14.54 -7.02 12.19
CA ALA A 643 14.54 -8.47 12.06
C ALA A 643 13.13 -9.04 12.11
N GLN A 644 12.28 -8.49 12.99
CA GLN A 644 10.94 -9.03 13.13
C GLN A 644 10.09 -8.74 11.90
N TYR A 645 10.15 -7.51 11.37
CA TYR A 645 9.37 -7.20 10.18
C TYR A 645 9.87 -8.00 8.99
N LYS A 646 11.19 -8.17 8.88
CA LYS A 646 11.76 -8.98 7.81
C LYS A 646 11.17 -10.38 7.80
N GLU A 647 11.02 -10.99 9.00
CA GLU A 647 10.48 -12.34 9.07
C GLU A 647 9.05 -12.40 8.56
N GLN A 648 8.20 -11.47 9.02
CA GLN A 648 6.80 -11.51 8.59
C GLN A 648 6.60 -10.99 7.18
N LEU A 649 7.52 -10.17 6.66
CA LEU A 649 7.47 -9.84 5.24
C LEU A 649 7.80 -11.07 4.39
N ALA A 650 8.84 -11.81 4.76
CA ALA A 650 9.20 -13.01 4.01
C ALA A 650 8.06 -14.02 4.01
N SER A 651 7.37 -14.16 5.15
CA SER A 651 6.26 -15.09 5.22
C SER A 651 5.13 -14.66 4.28
N LEU A 652 4.88 -13.35 4.18
CA LEU A 652 3.84 -12.86 3.29
C LEU A 652 4.19 -13.14 1.84
N MET A 653 5.40 -12.76 1.41
CA MET A 653 5.80 -12.97 0.03
C MET A 653 5.83 -14.45 -0.31
N ALA A 654 6.10 -15.31 0.67
CA ALA A 654 6.00 -16.76 0.44
C ALA A 654 4.55 -17.15 0.19
N THR A 655 3.60 -16.49 0.87
CA THR A 655 2.19 -16.77 0.64
C THR A 655 1.76 -16.37 -0.77
N LEU A 656 2.28 -15.24 -1.27
CA LEU A 656 1.85 -14.73 -2.55
C LEU A 656 2.51 -15.47 -3.71
N GLU A 657 3.75 -15.94 -3.53
CA GLU A 657 4.38 -16.75 -4.56
C GLU A 657 3.62 -18.05 -4.78
N ALA A 658 2.95 -18.55 -3.74
CA ALA A 658 2.15 -19.77 -3.85
C ALA A 658 0.76 -19.52 -4.40
N ALA A 659 0.32 -18.27 -4.48
CA ALA A 659 -0.99 -17.92 -5.00
C ALA A 659 -0.86 -17.31 -6.39
N ASN A 660 -1.97 -17.32 -7.13
CA ASN A 660 -2.00 -16.75 -8.47
C ASN A 660 -2.23 -15.25 -8.37
N PRO A 661 -1.29 -14.42 -8.84
CA PRO A 661 -1.42 -12.97 -8.63
C PRO A 661 -2.21 -12.26 -9.71
N HIS A 662 -3.02 -11.28 -9.26
CA HIS A 662 -3.72 -10.35 -10.13
C HIS A 662 -3.31 -8.94 -9.71
N PHE A 663 -2.73 -8.19 -10.65
CA PHE A 663 -2.12 -6.90 -10.34
C PHE A 663 -3.05 -5.74 -10.71
N VAL A 664 -3.08 -4.74 -9.84
CA VAL A 664 -3.77 -3.48 -10.09
C VAL A 664 -2.78 -2.35 -9.81
N ARG A 665 -2.45 -1.59 -10.83
CA ARG A 665 -1.47 -0.51 -10.73
C ARG A 665 -2.23 0.81 -10.56
N CYS A 666 -2.24 1.33 -9.33
CA CYS A 666 -2.88 2.61 -9.05
C CYS A 666 -1.93 3.75 -9.39
N ILE A 667 -2.47 4.81 -10.00
CA ILE A 667 -1.70 5.94 -10.48
C ILE A 667 -2.32 7.23 -9.94
N ILE A 668 -1.49 8.07 -9.32
CA ILE A 668 -1.95 9.35 -8.80
C ILE A 668 -1.78 10.39 -9.92
N PRO A 669 -2.82 11.17 -10.23
CA PRO A 669 -2.71 12.10 -11.37
C PRO A 669 -1.88 13.33 -11.10
N ASN A 670 -1.68 13.68 -9.83
CA ASN A 670 -0.99 14.91 -9.46
C ASN A 670 -0.66 14.83 -7.98
N ASN A 671 0.11 15.81 -7.51
CA ASN A 671 0.53 15.89 -6.12
C ASN A 671 -0.26 16.92 -5.32
N LYS A 672 -1.49 17.21 -5.74
CA LYS A 672 -2.32 18.21 -5.09
C LYS A 672 -3.69 17.67 -4.70
N GLN A 673 -3.92 16.37 -4.83
CA GLN A 673 -5.20 15.75 -4.47
C GLN A 673 -6.38 16.50 -5.08
N LEU A 674 -6.26 16.81 -6.36
CA LEU A 674 -7.30 17.54 -7.07
C LEU A 674 -7.88 16.69 -8.20
N PRO A 675 -9.16 16.86 -8.50
CA PRO A 675 -9.75 16.14 -9.64
C PRO A 675 -9.53 16.87 -10.95
N ALA A 676 -9.82 16.16 -12.04
CA ALA A 676 -9.81 16.75 -13.38
C ALA A 676 -8.50 17.48 -13.67
N LYS A 677 -7.39 16.96 -13.14
CA LYS A 677 -6.07 17.55 -13.38
C LYS A 677 -5.05 16.42 -13.52
N LEU A 678 -4.82 15.99 -14.75
CA LEU A 678 -3.88 14.91 -15.07
C LEU A 678 -2.57 15.55 -15.53
N GLU A 679 -1.55 15.48 -14.69
CA GLU A 679 -0.28 16.15 -14.96
C GLU A 679 0.66 15.21 -15.71
N ASP A 680 1.31 15.76 -16.75
CA ASP A 680 2.08 14.95 -17.69
C ASP A 680 3.18 14.16 -16.97
N LYS A 681 4.06 14.85 -16.25
CA LYS A 681 5.28 14.22 -15.78
C LYS A 681 5.09 13.46 -14.48
N VAL A 682 4.01 13.73 -13.74
CA VAL A 682 3.74 12.93 -12.54
C VAL A 682 3.25 11.55 -12.93
N VAL A 683 2.44 11.45 -13.98
CA VAL A 683 1.90 10.16 -14.41
C VAL A 683 2.99 9.32 -15.06
N LEU A 684 3.75 9.92 -15.97
CA LEU A 684 4.70 9.15 -16.78
C LEU A 684 5.78 8.51 -15.92
N ASP A 685 6.21 9.18 -14.84
CA ASP A 685 7.23 8.60 -13.99
C ASP A 685 6.74 7.33 -13.32
N GLN A 686 5.47 7.32 -12.90
CA GLN A 686 4.91 6.10 -12.32
C GLN A 686 4.77 5.01 -13.37
N LEU A 687 4.39 5.38 -14.60
CA LEU A 687 4.30 4.40 -15.68
C LEU A 687 5.67 3.80 -15.96
N ARG A 688 6.73 4.60 -15.88
CA ARG A 688 8.08 4.09 -16.11
C ARG A 688 8.49 3.13 -15.00
N CYS A 689 8.50 3.61 -13.75
CA CYS A 689 9.03 2.80 -12.65
C CYS A 689 8.11 1.64 -12.31
N ASN A 690 6.83 1.69 -12.70
CA ASN A 690 5.96 0.54 -12.52
C ASN A 690 6.20 -0.54 -13.57
N GLY A 691 6.82 -0.19 -14.69
CA GLY A 691 7.02 -1.14 -15.77
C GLY A 691 5.75 -1.44 -16.55
N VAL A 692 4.91 -0.42 -16.75
CA VAL A 692 3.62 -0.64 -17.41
C VAL A 692 3.82 -1.03 -18.87
N LEU A 693 4.57 -0.22 -19.61
CA LEU A 693 4.80 -0.51 -21.02
C LEU A 693 5.54 -1.83 -21.20
N GLU A 694 6.54 -2.08 -20.35
CA GLU A 694 7.21 -3.38 -20.37
C GLU A 694 6.20 -4.50 -20.14
N GLY A 695 5.23 -4.27 -19.25
CA GLY A 695 4.20 -5.27 -19.01
C GLY A 695 3.25 -5.45 -20.17
N ILE A 696 3.12 -4.45 -21.04
CA ILE A 696 2.29 -4.61 -22.23
C ILE A 696 3.06 -5.35 -23.31
N ARG A 697 4.32 -4.97 -23.52
CA ARG A 697 5.11 -5.58 -24.59
C ARG A 697 5.24 -7.09 -24.40
N ILE A 698 5.42 -7.54 -23.16
CA ILE A 698 5.61 -8.96 -22.93
C ILE A 698 4.35 -9.74 -23.28
N THR A 699 3.17 -9.14 -23.09
CA THR A 699 1.94 -9.84 -23.42
C THR A 699 1.68 -9.88 -24.92
N ARG A 700 2.11 -8.87 -25.65
CA ARG A 700 1.93 -8.88 -27.08
C ARG A 700 2.96 -9.76 -27.75
N LYS A 701 4.22 -9.54 -27.48
CA LYS A 701 5.27 -10.33 -28.08
C LYS A 701 5.21 -11.76 -27.65
N GLY A 702 4.91 -11.96 -26.40
CA GLY A 702 4.87 -13.27 -25.83
C GLY A 702 3.59 -14.00 -26.02
N PHE A 703 3.53 -15.17 -25.43
CA PHE A 703 2.36 -15.99 -25.49
C PHE A 703 1.81 -16.19 -24.08
N PRO A 704 0.69 -15.51 -23.75
CA PRO A 704 0.11 -15.56 -22.37
C PRO A 704 -0.22 -16.90 -21.66
N ASN A 705 -0.98 -17.82 -22.26
CA ASN A 705 -1.40 -19.04 -21.56
C ASN A 705 -1.01 -20.33 -22.29
N ARG A 706 -0.91 -21.42 -21.53
CA ARG A 706 -0.52 -22.70 -22.08
C ARG A 706 -1.29 -23.82 -21.37
N ILE A 707 -1.83 -24.78 -22.12
CA ILE A 707 -2.64 -25.84 -21.55
C ILE A 707 -1.89 -27.12 -21.87
N ILE A 708 -1.93 -28.10 -20.99
CA ILE A 708 -1.22 -29.35 -21.23
C ILE A 708 -1.82 -30.11 -22.40
N TYR A 709 -0.98 -30.90 -23.09
CA TYR A 709 -1.38 -31.60 -24.29
C TYR A 709 -2.53 -32.55 -24.14
N ALA A 710 -2.58 -33.27 -23.03
CA ALA A 710 -3.66 -34.22 -22.84
C ALA A 710 -5.01 -33.52 -22.83
N ASP A 711 -5.09 -32.38 -22.14
CA ASP A 711 -6.32 -31.61 -22.07
C ASP A 711 -6.46 -30.56 -23.19
N PHE A 712 -5.37 -30.29 -23.89
CA PHE A 712 -5.31 -29.34 -24.98
C PHE A 712 -6.48 -29.38 -25.94
N VAL A 723 -14.43 -34.78 -33.24
CA VAL A 723 -13.40 -34.44 -32.26
C VAL A 723 -13.10 -35.64 -31.37
N PRO A 724 -12.29 -36.58 -31.88
CA PRO A 724 -11.80 -37.67 -31.01
C PRO A 724 -11.10 -37.11 -29.78
N ARG A 725 -11.68 -37.31 -28.59
CA ARG A 725 -11.19 -36.69 -27.37
C ARG A 725 -10.31 -37.63 -26.55
N ASP A 726 -9.53 -38.48 -27.20
CA ASP A 726 -8.57 -39.32 -26.51
C ASP A 726 -7.51 -39.78 -27.50
N ALA A 727 -6.29 -39.92 -27.00
CA ALA A 727 -5.16 -40.30 -27.84
C ALA A 727 -4.03 -40.90 -27.00
N SER A 730 0.38 -38.53 -28.19
CA SER A 730 0.57 -37.78 -29.42
C SER A 730 0.26 -36.31 -29.17
N GLN A 731 1.20 -35.42 -29.44
CA GLN A 731 0.97 -34.01 -29.24
C GLN A 731 0.18 -33.42 -30.40
N LYS A 732 0.13 -34.12 -31.53
CA LYS A 732 -0.56 -33.64 -32.72
C LYS A 732 -2.06 -33.87 -32.68
N ALA A 733 -2.57 -34.59 -31.68
CA ALA A 733 -4.02 -34.78 -31.57
C ALA A 733 -4.73 -33.43 -31.57
N THR A 734 -4.21 -32.50 -30.79
CA THR A 734 -4.84 -31.19 -30.69
C THR A 734 -4.61 -30.31 -31.91
N ASP A 735 -3.68 -30.69 -32.76
CA ASP A 735 -3.41 -29.87 -33.94
C ASP A 735 -4.64 -29.78 -34.83
N ALA A 736 -5.44 -30.85 -34.88
CA ALA A 736 -6.56 -30.89 -35.82
C ALA A 736 -7.58 -29.79 -35.53
N VAL A 737 -7.83 -29.52 -34.25
CA VAL A 737 -8.93 -28.61 -33.89
C VAL A 737 -8.67 -27.22 -34.47
N LEU A 738 -7.46 -26.69 -34.30
CA LEU A 738 -7.15 -25.37 -34.84
C LEU A 738 -7.24 -25.37 -36.36
N LYS A 739 -6.86 -26.49 -36.98
CA LYS A 739 -7.00 -26.59 -38.44
C LYS A 739 -8.46 -26.40 -38.86
N HIS A 740 -9.39 -27.01 -38.13
CA HIS A 740 -10.80 -26.83 -38.45
C HIS A 740 -11.24 -25.39 -38.24
N LEU A 741 -10.70 -24.73 -37.22
CA LEU A 741 -11.03 -23.33 -36.95
C LEU A 741 -10.10 -22.41 -37.74
N GLU A 746 3.54 -20.42 -36.42
CA GLU A 746 3.90 -19.01 -36.47
C GLU A 746 2.98 -18.15 -35.61
N GLN A 747 1.69 -18.13 -35.91
CA GLN A 747 0.79 -17.33 -35.08
C GLN A 747 0.81 -17.86 -33.67
N TYR A 748 0.75 -19.18 -33.50
CA TYR A 748 0.77 -19.84 -32.15
C TYR A 748 1.80 -20.97 -32.19
N ARG A 749 2.50 -21.28 -31.11
CA ARG A 749 3.53 -22.34 -31.22
C ARG A 749 3.42 -23.55 -30.28
N PHE A 750 4.10 -24.64 -30.63
CA PHE A 750 4.09 -25.86 -29.81
C PHE A 750 5.36 -26.04 -28.97
N GLY A 751 5.24 -26.48 -27.73
CA GLY A 751 6.41 -26.69 -26.93
C GLY A 751 6.39 -28.11 -26.39
N ILE A 752 7.45 -28.57 -25.69
CA ILE A 752 7.48 -29.91 -25.15
C ILE A 752 6.48 -29.89 -24.00
N THR A 753 5.48 -30.78 -24.03
CA THR A 753 4.41 -30.93 -23.02
C THR A 753 3.31 -29.84 -22.93
N LYS A 754 3.40 -28.69 -23.60
CA LYS A 754 2.31 -27.72 -23.51
C LYS A 754 2.09 -27.01 -24.84
N ILE A 755 0.98 -26.29 -24.97
CA ILE A 755 0.66 -25.53 -26.19
C ILE A 755 0.28 -24.08 -25.80
N PHE A 756 0.95 -23.08 -26.37
CA PHE A 756 0.73 -21.68 -26.03
C PHE A 756 -0.07 -20.90 -27.06
N PHE A 757 -0.75 -19.84 -26.62
CA PHE A 757 -1.55 -18.99 -27.48
C PHE A 757 -1.01 -17.58 -27.36
N ARG A 758 -1.33 -16.74 -28.33
CA ARG A 758 -0.83 -15.38 -28.50
C ARG A 758 -2.00 -14.47 -28.67
N ALA A 759 -1.83 -13.18 -28.34
CA ALA A 759 -2.87 -12.17 -28.51
C ALA A 759 -4.22 -12.60 -27.95
#